data_6VSN
#
_entry.id   6VSN
#
_cell.length_a   111.624
_cell.length_b   70.301
_cell.length_c   112.697
_cell.angle_alpha   90.000
_cell.angle_beta   90.690
_cell.angle_gamma   90.000
#
_symmetry.space_group_name_H-M   'P 1 21 1'
#
loop_
_entity.id
_entity.type
_entity.pdbx_description
1 polymer 'Tyrosine-protein kinase JAK2'
2 non-polymer (3S)-3-cyclopentyl-3-[4-(7H-pyrrolo[2,3-d]pyrimidin-4-yl)-1H-pyrazol-1-yl]propanenitrile
3 water water
#
_entity_poly.entity_id   1
_entity_poly.type   'polypeptide(L)'
_entity_poly.pdbx_seq_one_letter_code
;HHHHHHHHENLYFQGDPTQFEERHLKFLQQLGKGNFGSVEMCRYDPLQDNTGEVVAVKKLQHSTEEHLRDFEREIEILKS
LQHDNIVKYKGVCYSAGRRNLKLIMEYLPYGSLRDYLQKHKERIDHIKLLQYTSQICKGMEYLGTKRYIHRDLATRNILV
ENENRVKIGDFGLTKVLPQDKE(PTR)YKVKEPGESPIFWYAPESLTESKFSVASDVWSFGVVLYELFTYIEKSKSPPAE
FMRMIGNDKQGQMIVFHLIELLKNNGRLPRPDGCPDEIYMIMTECWNNNVNQRPSFRDLALRVDQIRDNMAG
;
_entity_poly.pdbx_strand_id   D,B,C,A
#
loop_
_chem_comp.id
_chem_comp.type
_chem_comp.name
_chem_comp.formula
RG4 non-polymer (3S)-3-cyclopentyl-3-[4-(7H-pyrrolo[2,3-d]pyrimidin-4-yl)-1H-pyrazol-1-yl]propanenitrile 'C17 H18 N6'
#
# COMPACT_ATOMS: atom_id res chain seq x y z
N GLN A 19 -13.74 26.07 -27.50
CA GLN A 19 -15.09 25.57 -27.27
C GLN A 19 -15.92 26.59 -26.47
N PHE A 20 -15.29 27.67 -26.04
CA PHE A 20 -16.02 28.76 -25.41
C PHE A 20 -16.36 29.80 -26.48
N GLU A 21 -17.65 30.06 -26.65
CA GLU A 21 -18.11 31.08 -27.59
C GLU A 21 -18.04 32.45 -26.93
N GLU A 22 -17.50 33.42 -27.66
CA GLU A 22 -17.29 34.75 -27.10
C GLU A 22 -18.60 35.41 -26.68
N ARG A 23 -19.69 35.14 -27.42
CA ARG A 23 -20.95 35.82 -27.15
C ARG A 23 -21.55 35.44 -25.81
N HIS A 24 -21.09 34.33 -25.22
CA HIS A 24 -21.59 33.84 -23.94
C HIS A 24 -20.70 34.20 -22.76
N LEU A 25 -19.58 34.86 -22.99
CA LEU A 25 -18.74 35.37 -21.91
C LEU A 25 -19.24 36.76 -21.56
N LYS A 26 -19.63 36.95 -20.30
CA LYS A 26 -20.13 38.25 -19.84
C LYS A 26 -19.08 38.92 -18.97
N PHE A 27 -18.62 40.10 -19.38
CA PHE A 27 -17.64 40.82 -18.59
C PHE A 27 -18.22 41.23 -17.24
N LEU A 28 -17.43 41.01 -16.18
CA LEU A 28 -17.81 41.39 -14.84
C LEU A 28 -16.86 42.42 -14.25
N GLN A 29 -15.56 42.17 -14.33
CA GLN A 29 -14.58 43.18 -13.92
C GLN A 29 -13.21 42.72 -14.38
N GLN A 30 -12.22 43.59 -14.23
CA GLN A 30 -10.85 43.20 -14.50
C GLN A 30 -10.21 42.63 -13.24
N LEU A 31 -9.44 41.57 -13.39
CA LEU A 31 -8.81 40.96 -12.22
C LEU A 31 -7.34 41.32 -12.08
N GLY A 32 -6.67 41.54 -13.19
CA GLY A 32 -5.24 41.76 -13.17
C GLY A 32 -4.73 42.05 -14.55
N LYS A 33 -3.60 42.74 -14.57
CA LYS A 33 -3.03 43.29 -15.79
C LYS A 33 -1.56 42.94 -15.72
N GLY A 34 -1.12 42.09 -16.61
CA GLY A 34 0.26 41.72 -16.68
C GLY A 34 0.97 42.45 -17.79
N ASN A 35 2.08 41.87 -18.23
CA ASN A 35 2.83 42.46 -19.32
C ASN A 35 2.35 41.87 -20.63
N PHE A 36 1.78 42.72 -21.48
CA PHE A 36 1.13 42.36 -22.74
C PHE A 36 -0.10 41.49 -22.53
N GLY A 37 -0.57 41.30 -21.31
CA GLY A 37 -1.78 40.53 -21.08
C GLY A 37 -2.65 41.12 -19.99
N SER A 38 -3.91 40.70 -19.97
CA SER A 38 -4.77 41.03 -18.86
C SER A 38 -5.77 39.91 -18.63
N VAL A 39 -6.27 39.83 -17.40
CA VAL A 39 -7.21 38.79 -17.01
C VAL A 39 -8.48 39.46 -16.48
N GLU A 40 -9.62 38.98 -16.96
CA GLU A 40 -10.95 39.48 -16.64
C GLU A 40 -11.76 38.40 -15.94
N MET A 41 -12.50 38.82 -14.90
CA MET A 41 -13.57 38.01 -14.34
C MET A 41 -14.79 38.13 -15.24
N CYS A 42 -15.20 36.99 -15.82
CA CYS A 42 -16.35 36.85 -16.71
C CYS A 42 -17.28 35.76 -16.22
N ARG A 43 -18.55 35.80 -16.62
CA ARG A 43 -19.45 34.67 -16.44
C ARG A 43 -19.66 33.98 -17.79
N TYR A 44 -19.44 32.66 -17.84
CA TYR A 44 -19.79 31.87 -19.01
C TYR A 44 -21.20 31.34 -18.82
N ASP A 45 -22.13 31.91 -19.60
CA ASP A 45 -23.57 31.73 -19.43
C ASP A 45 -24.23 31.38 -20.76
N PRO A 46 -23.85 30.24 -21.38
CA PRO A 46 -24.41 29.92 -22.70
C PRO A 46 -25.93 29.74 -22.72
N LEU A 47 -26.54 29.35 -21.61
CA LEU A 47 -28.00 29.21 -21.56
C LEU A 47 -28.72 30.51 -21.27
N GLN A 48 -27.99 31.61 -21.06
CA GLN A 48 -28.58 32.93 -20.83
C GLN A 48 -29.62 32.91 -19.71
N ASP A 49 -29.36 32.12 -18.66
CA ASP A 49 -30.26 32.09 -17.50
C ASP A 49 -29.56 32.43 -16.20
N ASN A 50 -28.35 33.02 -16.27
CA ASN A 50 -27.54 33.34 -15.10
C ASN A 50 -27.34 32.10 -14.22
N THR A 51 -27.10 30.96 -14.86
CA THR A 51 -26.67 29.76 -14.16
C THR A 51 -25.25 29.35 -14.55
N GLY A 52 -24.62 30.05 -15.48
CA GLY A 52 -23.29 29.68 -15.90
C GLY A 52 -22.26 29.98 -14.85
N GLU A 53 -21.06 29.47 -15.06
CA GLU A 53 -20.06 29.61 -14.01
C GLU A 53 -19.17 30.82 -14.30
N VAL A 54 -18.70 31.47 -13.24
CA VAL A 54 -17.71 32.53 -13.36
C VAL A 54 -16.35 31.91 -13.70
N VAL A 55 -15.66 32.49 -14.68
CA VAL A 55 -14.34 32.02 -15.11
C VAL A 55 -13.38 33.21 -15.23
N ALA A 56 -12.09 32.89 -15.38
CA ALA A 56 -11.07 33.89 -15.67
C ALA A 56 -10.70 33.81 -17.14
N VAL A 57 -10.62 34.97 -17.80
CA VAL A 57 -10.33 35.05 -19.24
C VAL A 57 -9.09 35.91 -19.42
N LYS A 58 -8.06 35.35 -20.03
CA LYS A 58 -6.82 36.07 -20.33
C LYS A 58 -6.81 36.47 -21.80
N LYS A 59 -6.36 37.69 -22.06
CA LYS A 59 -6.28 38.20 -23.43
C LYS A 59 -5.06 39.08 -23.57
N LEU A 60 -4.70 39.34 -24.82
CA LEU A 60 -3.64 40.30 -25.09
C LEU A 60 -4.21 41.70 -25.08
N GLN A 61 -3.43 42.64 -24.55
CA GLN A 61 -3.77 44.05 -24.62
C GLN A 61 -3.64 44.59 -26.04
N HIS A 62 -2.65 44.13 -26.80
CA HIS A 62 -2.49 44.51 -28.20
C HIS A 62 -1.96 43.30 -28.98
N SER A 63 -2.79 42.75 -29.86
CA SER A 63 -2.57 41.44 -30.46
C SER A 63 -1.50 41.52 -31.57
N THR A 64 -0.25 41.67 -31.12
CA THR A 64 0.92 41.55 -31.99
C THR A 64 1.08 40.11 -32.47
N GLU A 65 1.62 39.95 -33.67
CA GLU A 65 1.85 38.59 -34.18
C GLU A 65 2.82 37.83 -33.29
N GLU A 66 3.89 38.49 -32.85
CA GLU A 66 4.85 37.86 -31.94
C GLU A 66 4.21 37.55 -30.60
N HIS A 67 3.42 38.48 -30.07
CA HIS A 67 2.72 38.24 -28.81
C HIS A 67 1.67 37.15 -28.98
N LEU A 68 1.04 37.07 -30.14
CA LEU A 68 0.09 36.00 -30.37
C LEU A 68 0.76 34.64 -30.38
N ARG A 69 1.95 34.53 -30.97
CA ARG A 69 2.66 33.25 -30.96
C ARG A 69 3.13 32.89 -29.56
N ASP A 70 3.69 33.84 -28.83
CA ASP A 70 3.96 33.64 -27.41
C ASP A 70 2.72 33.12 -26.68
N PHE A 71 1.57 33.77 -26.89
CA PHE A 71 0.34 33.42 -26.19
C PHE A 71 -0.05 31.99 -26.50
N GLU A 72 0.03 31.60 -27.76
CA GLU A 72 -0.27 30.23 -28.12
C GLU A 72 0.64 29.25 -27.37
N ARG A 73 1.92 29.59 -27.25
CA ARG A 73 2.80 28.69 -26.51
C ARG A 73 2.43 28.63 -25.04
N GLU A 74 2.12 29.79 -24.44
CA GLU A 74 1.66 29.84 -23.05
C GLU A 74 0.44 28.97 -22.85
N ILE A 75 -0.53 29.06 -23.76
CA ILE A 75 -1.74 28.26 -23.65
C ILE A 75 -1.39 26.77 -23.66
N GLU A 76 -0.52 26.35 -24.59
CA GLU A 76 -0.15 24.93 -24.63
C GLU A 76 0.57 24.51 -23.35
N ILE A 77 1.47 25.35 -22.86
CA ILE A 77 2.14 25.06 -21.61
C ILE A 77 1.12 24.81 -20.50
N LEU A 78 0.20 25.76 -20.30
CA LEU A 78 -0.75 25.62 -19.21
C LEU A 78 -1.60 24.37 -19.38
N LYS A 79 -2.14 24.18 -20.59
CA LYS A 79 -2.89 22.97 -20.90
C LYS A 79 -2.11 21.71 -20.55
N SER A 80 -0.79 21.72 -20.73
CA SER A 80 -0.02 20.53 -20.38
C SER A 80 0.16 20.34 -18.88
N LEU A 81 -0.29 21.26 -18.03
CA LEU A 81 0.00 21.19 -16.61
C LEU A 81 -1.24 20.75 -15.83
N GLN A 82 -1.08 19.79 -14.93
CA GLN A 82 -2.16 19.34 -14.06
C GLN A 82 -1.59 19.13 -12.67
N HIS A 83 -1.95 20.02 -11.75
CA HIS A 83 -1.37 19.99 -10.42
C HIS A 83 -2.26 20.82 -9.49
N ASP A 84 -2.40 20.32 -8.25
CA ASP A 84 -3.23 21.00 -7.25
C ASP A 84 -2.81 22.46 -7.06
N ASN A 85 -1.55 22.79 -7.34
CA ASN A 85 -0.98 24.09 -7.02
C ASN A 85 -0.60 24.87 -8.28
N ILE A 86 -1.25 24.51 -9.39
CA ILE A 86 -1.18 25.24 -10.65
C ILE A 86 -2.61 25.55 -11.06
N VAL A 87 -2.86 26.77 -11.52
CA VAL A 87 -4.22 27.18 -11.86
C VAL A 87 -4.72 26.38 -13.05
N LYS A 88 -5.99 25.96 -13.00
CA LYS A 88 -6.54 25.02 -13.99
C LYS A 88 -6.84 25.69 -15.32
N TYR A 89 -6.35 25.10 -16.40
CA TYR A 89 -6.78 25.42 -17.74
C TYR A 89 -8.21 24.93 -17.94
N LYS A 90 -9.02 25.70 -18.69
CA LYS A 90 -10.37 25.27 -19.01
C LYS A 90 -10.61 25.21 -20.50
N GLY A 91 -10.02 26.11 -21.27
CA GLY A 91 -10.26 26.13 -22.70
C GLY A 91 -9.79 27.45 -23.30
N VAL A 92 -10.12 27.61 -24.58
CA VAL A 92 -9.73 28.77 -25.36
C VAL A 92 -10.98 29.33 -26.04
N CYS A 93 -10.84 30.53 -26.58
CA CYS A 93 -11.94 31.21 -27.23
C CYS A 93 -11.38 32.09 -28.32
N TYR A 94 -12.10 32.20 -29.42
CA TYR A 94 -11.68 33.09 -30.50
C TYR A 94 -12.88 33.52 -31.31
N SER A 95 -12.80 34.75 -31.79
CA SER A 95 -13.89 35.37 -32.54
C SER A 95 -13.34 35.98 -33.82
N ALA A 96 -14.27 36.23 -34.76
CA ALA A 96 -13.99 36.89 -36.04
C ALA A 96 -12.78 36.27 -36.74
N GLY A 97 -12.90 34.98 -37.02
CA GLY A 97 -11.81 34.21 -37.61
C GLY A 97 -11.08 33.38 -36.55
N ARG A 98 -9.76 33.59 -36.45
CA ARG A 98 -8.91 32.87 -35.49
C ARG A 98 -8.37 33.73 -34.35
N ARG A 99 -8.06 35.00 -34.57
CA ARG A 99 -7.45 35.78 -33.51
C ARG A 99 -8.57 36.40 -32.64
N ASN A 100 -8.19 37.37 -31.80
CA ASN A 100 -8.92 37.70 -30.58
C ASN A 100 -8.89 36.52 -29.62
N LEU A 101 -7.78 35.80 -29.66
CA LEU A 101 -7.63 34.56 -28.91
C LEU A 101 -7.64 34.84 -27.41
N LYS A 102 -8.33 33.99 -26.68
CA LYS A 102 -8.53 34.17 -25.25
C LYS A 102 -8.33 32.83 -24.55
N LEU A 103 -7.69 32.89 -23.39
CA LEU A 103 -7.43 31.69 -22.60
C LEU A 103 -8.43 31.65 -21.47
N ILE A 104 -9.12 30.52 -21.31
CA ILE A 104 -10.09 30.37 -20.24
C ILE A 104 -9.49 29.51 -19.15
N MET A 105 -9.52 30.02 -17.92
CA MET A 105 -9.04 29.32 -16.73
C MET A 105 -10.08 29.40 -15.64
N GLU A 106 -9.91 28.54 -14.63
CA GLU A 106 -10.77 28.60 -13.46
C GLU A 106 -10.58 29.93 -12.74
N TYR A 107 -11.64 30.39 -12.06
CA TYR A 107 -11.58 31.64 -11.31
C TYR A 107 -11.25 31.35 -9.84
N LEU A 108 -10.22 32.02 -9.33
CA LEU A 108 -9.83 31.80 -7.95
C LEU A 108 -10.27 32.98 -7.09
N PRO A 109 -11.18 32.78 -6.13
CA PRO A 109 -11.94 33.91 -5.58
C PRO A 109 -11.19 34.76 -4.57
N TYR A 110 -10.03 34.34 -4.08
CA TYR A 110 -9.36 35.17 -3.10
C TYR A 110 -8.24 36.02 -3.69
N GLY A 111 -8.12 36.08 -5.00
CA GLY A 111 -7.13 36.97 -5.58
C GLY A 111 -5.68 36.47 -5.46
N SER A 112 -4.76 37.39 -5.71
CA SER A 112 -3.35 37.07 -5.61
C SER A 112 -2.93 36.90 -4.16
N LEU A 113 -1.95 36.02 -3.95
CA LEU A 113 -1.39 35.83 -2.63
C LEU A 113 -0.75 37.10 -2.10
N ARG A 114 -0.25 37.97 -2.98
CA ARG A 114 0.27 39.27 -2.54
C ARG A 114 -0.82 40.08 -1.82
N ASP A 115 -1.93 40.37 -2.52
CA ASP A 115 -3.03 41.10 -1.88
C ASP A 115 -3.62 40.34 -0.71
N TYR A 116 -3.78 39.02 -0.85
CA TYR A 116 -4.41 38.23 0.21
C TYR A 116 -3.59 38.25 1.49
N LEU A 117 -2.28 38.04 1.39
CA LEU A 117 -1.44 38.16 2.57
C LEU A 117 -1.48 39.57 3.15
N GLN A 118 -1.44 40.60 2.29
CA GLN A 118 -1.50 41.96 2.78
C GLN A 118 -2.77 42.20 3.59
N LYS A 119 -3.89 41.61 3.18
CA LYS A 119 -5.17 41.92 3.77
C LYS A 119 -5.42 41.15 5.07
N HIS A 120 -4.74 40.03 5.31
CA HIS A 120 -5.04 39.25 6.50
C HIS A 120 -3.79 39.03 7.35
N LYS A 121 -2.86 39.99 7.35
CA LYS A 121 -1.55 39.72 7.96
C LYS A 121 -1.67 39.36 9.42
N GLU A 122 -2.72 39.81 10.09
CA GLU A 122 -2.84 39.60 11.53
C GLU A 122 -3.44 38.25 11.88
N ARG A 123 -3.87 37.47 10.90
CA ARG A 123 -4.42 36.15 11.13
C ARG A 123 -3.66 35.04 10.45
N ILE A 124 -2.63 35.36 9.67
CA ILE A 124 -1.82 34.36 8.97
C ILE A 124 -0.49 34.27 9.69
N ASP A 125 -0.28 33.18 10.42
CA ASP A 125 0.93 32.97 11.18
C ASP A 125 1.99 32.23 10.34
N HIS A 126 3.17 32.00 10.91
CA HIS A 126 4.29 31.45 10.16
C HIS A 126 4.03 30.03 9.63
N ILE A 127 3.36 29.19 10.41
CA ILE A 127 3.01 27.84 9.94
C ILE A 127 2.20 27.91 8.65
N LYS A 128 1.23 28.84 8.60
CA LYS A 128 0.43 29.04 7.40
C LYS A 128 1.30 29.50 6.24
N LEU A 129 2.20 30.46 6.49
CA LEU A 129 3.14 30.90 5.47
C LEU A 129 3.91 29.72 4.90
N LEU A 130 4.36 28.81 5.77
CA LEU A 130 5.16 27.68 5.33
C LEU A 130 4.31 26.68 4.55
N GLN A 131 3.03 26.56 4.90
CA GLN A 131 2.11 25.78 4.08
C GLN A 131 2.07 26.31 2.65
N TYR A 132 1.90 27.63 2.51
CA TYR A 132 1.89 28.23 1.18
C TYR A 132 3.21 27.98 0.47
N THR A 133 4.32 28.15 1.20
CA THR A 133 5.65 27.97 0.67
C THR A 133 5.81 26.57 0.08
N SER A 134 5.44 25.56 0.86
CA SER A 134 5.49 24.17 0.44
C SER A 134 4.65 23.93 -0.82
N GLN A 135 3.41 24.42 -0.83
CA GLN A 135 2.59 24.27 -2.04
C GLN A 135 3.27 24.87 -3.26
N ILE A 136 3.85 26.06 -3.11
CA ILE A 136 4.58 26.74 -4.19
C ILE A 136 5.77 25.89 -4.64
N CYS A 137 6.46 25.27 -3.67
CA CYS A 137 7.60 24.44 -3.99
C CYS A 137 7.18 23.24 -4.82
N LYS A 138 6.06 22.63 -4.43
CA LYS A 138 5.64 21.41 -5.13
C LYS A 138 5.17 21.75 -6.53
N GLY A 139 4.50 22.89 -6.71
CA GLY A 139 4.11 23.31 -8.04
C GLY A 139 5.33 23.58 -8.91
N MET A 140 6.33 24.26 -8.35
CA MET A 140 7.55 24.53 -9.11
C MET A 140 8.29 23.25 -9.48
N GLU A 141 8.32 22.27 -8.57
CA GLU A 141 8.96 21.00 -8.89
C GLU A 141 8.25 20.28 -10.03
N TYR A 142 6.91 20.26 -10.00
CA TYR A 142 6.15 19.76 -11.13
C TYR A 142 6.56 20.46 -12.43
N LEU A 143 6.70 21.79 -12.40
CA LEU A 143 7.22 22.50 -13.58
C LEU A 143 8.58 21.95 -14.00
N GLY A 144 9.47 21.73 -13.03
CA GLY A 144 10.79 21.21 -13.34
C GLY A 144 10.73 19.88 -14.04
N THR A 145 9.83 18.98 -13.62
CA THR A 145 9.83 17.67 -14.25
C THR A 145 9.43 17.76 -15.72
N LYS A 146 8.76 18.82 -16.12
CA LYS A 146 8.44 19.08 -17.51
C LYS A 146 9.47 19.95 -18.20
N ARG A 147 10.57 20.29 -17.50
CA ARG A 147 11.62 21.17 -18.02
C ARG A 147 11.09 22.56 -18.39
N TYR A 148 10.05 23.02 -17.68
CA TYR A 148 9.51 24.36 -17.83
C TYR A 148 10.22 25.30 -16.85
N ILE A 149 10.62 26.47 -17.34
CA ILE A 149 11.19 27.54 -16.50
C ILE A 149 10.16 28.66 -16.41
N HIS A 150 9.70 28.95 -15.19
CA HIS A 150 8.60 29.91 -15.01
C HIS A 150 9.03 31.34 -15.31
N ARG A 151 10.19 31.74 -14.80
CA ARG A 151 10.86 33.02 -15.04
C ARG A 151 10.22 34.22 -14.35
N ASP A 152 9.11 34.04 -13.65
CA ASP A 152 8.39 35.22 -13.12
C ASP A 152 7.78 34.91 -11.76
N LEU A 153 8.47 34.13 -10.94
CA LEU A 153 7.96 33.75 -9.63
C LEU A 153 7.87 34.97 -8.72
N ALA A 154 6.66 35.27 -8.25
CA ALA A 154 6.39 36.39 -7.36
C ALA A 154 5.05 36.17 -6.68
N THR A 155 4.94 36.65 -5.43
CA THR A 155 3.66 36.49 -4.76
C THR A 155 2.51 37.08 -5.57
N ARG A 156 2.79 38.11 -6.39
CA ARG A 156 1.75 38.68 -7.25
C ARG A 156 1.30 37.69 -8.33
N ASN A 157 2.09 36.67 -8.63
CA ASN A 157 1.68 35.64 -9.57
C ASN A 157 1.33 34.33 -8.88
N ILE A 158 1.05 34.35 -7.58
CA ILE A 158 0.42 33.25 -6.87
C ILE A 158 -1.02 33.65 -6.56
N LEU A 159 -1.96 32.75 -6.82
CA LEU A 159 -3.35 33.00 -6.51
C LEU A 159 -3.80 32.13 -5.36
N VAL A 160 -4.85 32.57 -4.69
CA VAL A 160 -5.38 31.93 -3.51
C VAL A 160 -6.72 31.32 -3.90
N GLU A 161 -6.80 29.98 -3.89
CA GLU A 161 -8.09 29.33 -4.09
C GLU A 161 -8.95 29.36 -2.84
N ASN A 162 -8.33 29.09 -1.68
CA ASN A 162 -8.96 29.21 -0.37
C ASN A 162 -7.84 29.31 0.66
N GLU A 163 -8.23 29.40 1.93
CA GLU A 163 -7.26 29.65 3.00
C GLU A 163 -6.22 28.54 3.10
N ASN A 164 -6.48 27.40 2.45
CA ASN A 164 -5.59 26.24 2.53
C ASN A 164 -4.91 25.88 1.21
N ARG A 165 -5.12 26.63 0.14
CA ARG A 165 -4.60 26.25 -1.17
C ARG A 165 -4.20 27.48 -1.98
N VAL A 166 -2.95 27.52 -2.44
CA VAL A 166 -2.53 28.51 -3.41
C VAL A 166 -2.08 27.78 -4.68
N LYS A 167 -2.05 28.53 -5.77
CA LYS A 167 -1.76 27.99 -7.08
C LYS A 167 -0.87 28.97 -7.79
N ILE A 168 0.09 28.47 -8.57
CA ILE A 168 0.83 29.36 -9.44
C ILE A 168 -0.10 29.83 -10.53
N GLY A 169 -0.10 31.13 -10.78
CA GLY A 169 -1.26 31.74 -11.38
C GLY A 169 -1.10 32.26 -12.79
N ASP A 170 0.15 32.48 -13.22
CA ASP A 170 0.39 33.07 -14.51
C ASP A 170 1.64 32.45 -15.10
N PHE A 171 1.64 32.25 -16.42
CA PHE A 171 2.74 31.60 -17.09
C PHE A 171 3.13 32.34 -18.37
N GLY A 172 2.86 33.64 -18.45
CA GLY A 172 3.18 34.39 -19.66
C GLY A 172 4.65 34.44 -20.04
N LEU A 173 5.56 34.21 -19.10
CA LEU A 173 6.99 34.30 -19.34
C LEU A 173 7.67 32.93 -19.29
N THR A 174 6.88 31.88 -19.11
CA THR A 174 7.42 30.54 -18.97
C THR A 174 7.96 30.05 -20.30
N LYS A 175 9.17 29.46 -20.27
CA LYS A 175 9.85 28.93 -21.44
C LYS A 175 10.19 27.47 -21.21
N VAL A 176 10.24 26.71 -22.31
CA VAL A 176 10.61 25.30 -22.28
C VAL A 176 12.10 25.18 -22.56
N LEU A 177 12.79 24.41 -21.73
CA LEU A 177 14.23 24.23 -21.89
C LEU A 177 14.53 23.54 -23.22
N PRO A 178 15.62 23.92 -23.89
CA PRO A 178 16.11 23.11 -25.01
C PRO A 178 16.46 21.71 -24.54
N GLN A 179 16.37 20.75 -25.47
CA GLN A 179 16.72 19.37 -25.15
C GLN A 179 18.17 19.28 -24.66
N ASP A 180 19.08 20.03 -25.28
CA ASP A 180 20.51 19.87 -25.06
C ASP A 180 21.08 20.76 -23.97
N LYS A 181 20.29 21.62 -23.34
CA LYS A 181 20.80 22.63 -22.44
C LYS A 181 19.91 22.76 -21.21
N GLU A 182 20.52 23.16 -20.10
CA GLU A 182 19.80 23.35 -18.83
C GLU A 182 19.45 24.82 -18.54
N PTR A 183 19.51 25.66 -19.56
CA PTR A 183 19.10 27.05 -19.41
C PTR A 183 18.56 27.56 -20.73
O PTR A 183 18.79 26.94 -21.78
CB PTR A 183 20.26 27.93 -18.97
CG PTR A 183 21.39 27.88 -19.95
CD1 PTR A 183 21.43 28.75 -21.04
CD2 PTR A 183 22.40 26.96 -19.79
CE1 PTR A 183 22.46 28.69 -21.94
CE2 PTR A 183 23.45 26.89 -20.69
CZ PTR A 183 23.47 27.77 -21.74
OH PTR A 183 24.45 27.63 -22.57
P PTR A 183 25.65 28.66 -22.86
O1P PTR A 183 25.36 29.32 -24.19
O2P PTR A 183 25.78 29.74 -21.74
O3P PTR A 183 26.90 27.84 -22.91
N TYR A 184 17.85 28.68 -20.69
CA TYR A 184 17.22 29.28 -21.84
C TYR A 184 17.67 30.71 -21.83
N LYS A 185 18.29 31.16 -22.92
CA LYS A 185 18.76 32.53 -23.03
C LYS A 185 17.69 33.36 -23.72
N VAL A 186 17.18 34.37 -23.01
CA VAL A 186 16.17 35.25 -23.57
C VAL A 186 16.27 36.62 -22.88
N LYS A 187 16.15 37.68 -23.68
CA LYS A 187 16.16 39.04 -23.16
C LYS A 187 15.05 39.82 -23.88
N GLU A 188 14.09 40.11 -23.20
CA GLU A 188 12.89 40.68 -23.77
C GLU A 188 12.87 42.19 -23.61
N PRO A 189 12.21 42.88 -24.53
CA PRO A 189 11.93 44.30 -24.32
C PRO A 189 10.70 44.47 -23.45
N GLY A 190 10.70 45.57 -22.71
CA GLY A 190 9.83 45.77 -21.58
C GLY A 190 10.64 45.83 -20.30
N GLU A 191 9.94 46.19 -19.23
CA GLU A 191 10.47 46.02 -17.90
C GLU A 191 10.62 44.54 -17.59
N SER A 192 11.73 44.19 -16.95
CA SER A 192 11.77 42.85 -16.41
C SER A 192 11.81 42.93 -14.90
N PRO A 193 11.25 41.95 -14.19
CA PRO A 193 11.23 42.01 -12.72
C PRO A 193 12.63 41.84 -12.13
N ILE A 194 13.50 42.83 -12.36
CA ILE A 194 14.91 42.66 -12.04
C ILE A 194 15.12 42.34 -10.58
N PHE A 195 14.19 42.75 -9.70
CA PHE A 195 14.49 42.54 -8.29
C PHE A 195 14.11 41.15 -7.81
N TRP A 196 13.60 40.31 -8.70
CA TRP A 196 13.49 38.88 -8.47
C TRP A 196 14.50 38.09 -9.31
N TYR A 197 15.35 38.75 -10.09
CA TYR A 197 16.24 38.06 -11.02
C TYR A 197 17.50 37.53 -10.35
N ALA A 198 17.87 36.30 -10.70
CA ALA A 198 19.19 35.79 -10.38
C ALA A 198 20.27 36.65 -11.04
N PRO A 199 21.45 36.72 -10.42
CA PRO A 199 22.55 37.50 -11.04
C PRO A 199 22.84 37.08 -12.48
N GLU A 200 22.80 35.77 -12.77
CA GLU A 200 23.16 35.34 -14.12
C GLU A 200 22.07 35.69 -15.11
N SER A 201 20.83 35.91 -14.62
CA SER A 201 19.78 36.43 -15.48
C SER A 201 20.01 37.91 -15.80
N LEU A 202 20.46 38.69 -14.81
CA LEU A 202 20.77 40.10 -15.06
C LEU A 202 22.00 40.25 -15.97
N THR A 203 23.03 39.44 -15.79
CA THR A 203 24.23 39.61 -16.62
C THR A 203 24.13 38.93 -17.98
N GLU A 204 23.55 37.73 -18.08
CA GLU A 204 23.63 36.93 -19.31
C GLU A 204 22.28 36.51 -19.87
N SER A 205 21.17 36.99 -19.30
CA SER A 205 19.82 36.61 -19.72
C SER A 205 19.62 35.10 -19.65
N LYS A 206 20.23 34.45 -18.66
CA LYS A 206 20.17 32.99 -18.52
C LYS A 206 19.13 32.61 -17.47
N PHE A 207 18.11 31.87 -17.90
CA PHE A 207 17.04 31.43 -17.03
C PHE A 207 17.05 29.91 -16.93
N SER A 208 16.98 29.41 -15.71
CA SER A 208 17.20 28.01 -15.41
C SER A 208 16.29 27.63 -14.24
N VAL A 209 16.21 26.33 -13.95
CA VAL A 209 15.61 25.93 -12.68
C VAL A 209 16.27 26.69 -11.55
N ALA A 210 17.60 26.81 -11.61
CA ALA A 210 18.35 27.44 -10.53
C ALA A 210 17.96 28.91 -10.33
N SER A 211 17.65 29.62 -11.43
CA SER A 211 17.19 31.00 -11.27
C SER A 211 15.74 31.05 -10.78
N ASP A 212 14.90 30.10 -11.20
CA ASP A 212 13.60 29.97 -10.56
C ASP A 212 13.73 29.80 -9.05
N VAL A 213 14.76 29.06 -8.62
CA VAL A 213 15.00 28.86 -7.19
C VAL A 213 15.43 30.17 -6.52
N TRP A 214 16.31 30.94 -7.17
CA TRP A 214 16.62 32.28 -6.68
C TRP A 214 15.33 33.09 -6.45
N SER A 215 14.50 33.17 -7.49
CA SER A 215 13.29 33.96 -7.37
C SER A 215 12.42 33.41 -6.26
N PHE A 216 12.37 32.08 -6.11
CA PHE A 216 11.63 31.50 -5.00
C PHE A 216 12.15 32.01 -3.69
N GLY A 217 13.47 32.15 -3.57
CA GLY A 217 14.03 32.79 -2.39
C GLY A 217 13.38 34.14 -2.13
N VAL A 218 13.22 34.92 -3.21
CA VAL A 218 12.60 36.24 -3.06
C VAL A 218 11.13 36.11 -2.66
N VAL A 219 10.43 35.13 -3.22
CA VAL A 219 9.04 34.88 -2.83
C VAL A 219 8.95 34.59 -1.35
N LEU A 220 9.90 33.83 -0.82
CA LEU A 220 9.87 33.49 0.60
C LEU A 220 10.12 34.74 1.46
N TYR A 221 11.07 35.58 1.02
CA TYR A 221 11.25 36.90 1.62
C TYR A 221 9.93 37.69 1.65
N GLU A 222 9.31 37.88 0.49
CA GLU A 222 8.00 38.53 0.38
C GLU A 222 7.01 37.99 1.40
N LEU A 223 6.85 36.67 1.47
CA LEU A 223 5.90 36.08 2.41
C LEU A 223 6.18 36.54 3.82
N PHE A 224 7.44 36.51 4.24
CA PHE A 224 7.71 36.80 5.64
C PHE A 224 7.76 38.30 5.94
N THR A 225 7.81 39.17 4.91
CA THR A 225 7.56 40.59 5.11
C THR A 225 6.07 40.93 5.25
N TYR A 226 5.17 40.00 4.95
CA TYR A 226 3.73 40.26 4.93
C TYR A 226 3.38 41.43 4.02
N ILE A 227 4.21 41.65 3.00
CA ILE A 227 4.03 42.66 1.95
C ILE A 227 3.98 44.04 2.60
N GLU A 228 4.88 44.30 3.55
CA GLU A 228 4.90 45.62 4.14
C GLU A 228 5.44 46.62 3.13
N LYS A 229 4.96 47.87 3.24
CA LYS A 229 5.22 48.90 2.22
C LYS A 229 6.71 48.99 1.91
N SER A 230 7.47 49.52 2.88
CA SER A 230 8.88 49.83 2.78
C SER A 230 9.76 48.59 2.63
N LYS A 231 9.21 47.40 2.78
CA LYS A 231 9.98 46.17 2.83
C LYS A 231 9.91 45.37 1.54
N SER A 232 9.40 45.93 0.45
CA SER A 232 9.34 45.15 -0.79
C SER A 232 10.74 45.05 -1.37
N PRO A 233 11.02 43.99 -2.13
CA PRO A 233 12.35 43.84 -2.73
C PRO A 233 12.77 45.07 -3.51
N PRO A 234 11.87 45.73 -4.26
CA PRO A 234 12.29 46.98 -4.92
C PRO A 234 12.71 48.07 -3.94
N ALA A 235 11.91 48.32 -2.91
CA ALA A 235 12.26 49.34 -1.92
C ALA A 235 13.59 49.04 -1.24
N GLU A 236 13.72 47.81 -0.73
CA GLU A 236 14.96 47.40 -0.07
C GLU A 236 16.16 47.54 -0.99
N PHE A 237 16.04 47.06 -2.23
CA PHE A 237 17.19 47.08 -3.14
C PHE A 237 17.54 48.50 -3.57
N MET A 238 16.51 49.35 -3.78
CA MET A 238 16.77 50.74 -4.13
C MET A 238 17.41 51.48 -2.98
N ARG A 239 17.02 51.14 -1.74
CA ARG A 239 17.69 51.76 -0.61
C ARG A 239 19.11 51.23 -0.43
N MET A 240 19.38 50.01 -0.86
CA MET A 240 20.75 49.51 -0.78
C MET A 240 21.63 50.12 -1.87
N ILE A 241 21.07 50.40 -3.06
CA ILE A 241 21.91 50.99 -4.10
C ILE A 241 21.84 52.52 -4.13
N GLY A 242 20.94 53.13 -3.36
CA GLY A 242 20.66 54.55 -3.50
C GLY A 242 19.46 54.80 -4.40
N ASN A 243 18.45 55.51 -3.90
CA ASN A 243 17.23 55.73 -4.66
C ASN A 243 17.43 56.70 -5.83
N ASP A 244 18.53 57.46 -5.83
CA ASP A 244 18.81 58.36 -6.93
C ASP A 244 19.15 57.64 -8.23
N LYS A 245 19.58 56.39 -8.13
CA LYS A 245 20.27 55.74 -9.24
C LYS A 245 19.42 55.79 -10.51
N GLN A 246 20.09 56.02 -11.63
CA GLN A 246 19.52 56.65 -12.81
C GLN A 246 19.30 55.60 -13.89
N GLY A 247 18.03 55.28 -14.15
CA GLY A 247 17.68 54.46 -15.31
C GLY A 247 18.44 53.14 -15.34
N GLN A 248 19.08 52.86 -16.48
CA GLN A 248 19.78 51.59 -16.64
C GLN A 248 20.88 51.42 -15.60
N MET A 249 21.41 52.52 -15.05
CA MET A 249 22.40 52.41 -14.00
C MET A 249 21.90 51.54 -12.85
N ILE A 250 20.60 51.62 -12.54
CA ILE A 250 19.96 50.81 -11.52
C ILE A 250 20.41 49.36 -11.67
N VAL A 251 20.18 48.80 -12.87
CA VAL A 251 20.53 47.40 -13.10
C VAL A 251 22.00 47.18 -12.81
N PHE A 252 22.86 48.03 -13.38
CA PHE A 252 24.29 47.87 -13.19
C PHE A 252 24.61 47.79 -11.70
N HIS A 253 24.08 48.74 -10.92
CA HIS A 253 24.42 48.74 -9.49
C HIS A 253 23.88 47.50 -8.82
N LEU A 254 22.65 47.10 -9.19
CA LEU A 254 22.09 45.86 -8.68
C LEU A 254 23.07 44.71 -8.90
N ILE A 255 23.56 44.58 -10.14
CA ILE A 255 24.52 43.51 -10.42
C ILE A 255 25.69 43.62 -9.46
N GLU A 256 26.29 44.81 -9.36
CA GLU A 256 27.45 44.95 -8.49
C GLU A 256 27.07 44.59 -7.06
N LEU A 257 25.92 45.09 -6.59
CA LEU A 257 25.51 44.80 -5.23
C LEU A 257 25.39 43.31 -5.02
N LEU A 258 24.76 42.60 -5.96
CA LEU A 258 24.60 41.17 -5.77
C LEU A 258 25.95 40.47 -5.90
N LYS A 259 26.85 41.01 -6.72
CA LYS A 259 28.18 40.42 -6.86
C LYS A 259 28.93 40.44 -5.53
N ASN A 260 28.75 41.49 -4.73
CA ASN A 260 29.45 41.60 -3.46
C ASN A 260 28.64 41.03 -2.31
N ASN A 261 27.72 40.11 -2.62
CA ASN A 261 26.89 39.39 -1.65
C ASN A 261 26.00 40.33 -0.83
N GLY A 262 25.64 41.48 -1.39
CA GLY A 262 24.54 42.25 -0.84
C GLY A 262 23.25 41.46 -1.01
N ARG A 263 22.47 41.36 0.06
CA ARG A 263 21.23 40.58 0.04
C ARG A 263 20.13 41.33 0.80
N LEU A 264 18.89 40.98 0.47
CA LEU A 264 17.76 41.46 1.23
C LEU A 264 17.91 41.06 2.71
N PRO A 265 17.51 41.93 3.63
CA PRO A 265 17.66 41.63 5.06
C PRO A 265 16.64 40.61 5.54
N ARG A 266 16.96 39.99 6.67
CA ARG A 266 16.02 39.08 7.30
C ARG A 266 14.73 39.84 7.66
N PRO A 267 13.57 39.35 7.25
CA PRO A 267 12.32 40.06 7.58
C PRO A 267 12.04 40.05 9.08
N ASP A 268 11.28 41.05 9.52
CA ASP A 268 10.90 41.15 10.93
C ASP A 268 10.20 39.89 11.40
N GLY A 269 10.67 39.34 12.51
CA GLY A 269 10.08 38.15 13.08
C GLY A 269 10.44 36.86 12.41
N CYS A 270 11.13 36.91 11.28
CA CYS A 270 11.51 35.70 10.55
C CYS A 270 12.56 34.92 11.32
N PRO A 271 12.35 33.63 11.61
CA PRO A 271 13.37 32.83 12.31
C PRO A 271 14.62 32.67 11.47
N ASP A 272 15.72 32.31 12.14
CA ASP A 272 16.98 32.15 11.44
C ASP A 272 16.91 31.08 10.35
N GLU A 273 16.25 29.96 10.61
CA GLU A 273 16.27 28.87 9.63
C GLU A 273 15.57 29.28 8.34
N ILE A 274 14.51 30.09 8.44
CA ILE A 274 13.81 30.50 7.24
C ILE A 274 14.69 31.44 6.42
N TYR A 275 15.30 32.42 7.09
CA TYR A 275 16.21 33.30 6.39
C TYR A 275 17.34 32.52 5.75
N MET A 276 17.80 31.46 6.42
CA MET A 276 18.88 30.67 5.85
C MET A 276 18.44 29.97 4.57
N ILE A 277 17.20 29.48 4.54
CA ILE A 277 16.68 28.97 3.28
C ILE A 277 16.73 30.05 2.21
N MET A 278 16.33 31.27 2.58
CA MET A 278 16.37 32.36 1.61
C MET A 278 17.77 32.57 1.07
N THR A 279 18.77 32.58 1.96
CA THR A 279 20.12 32.99 1.53
C THR A 279 20.81 31.85 0.79
N GLU A 280 20.46 30.60 1.08
CA GLU A 280 20.95 29.50 0.26
C GLU A 280 20.31 29.54 -1.11
N CYS A 281 19.06 29.99 -1.23
CA CYS A 281 18.53 30.23 -2.57
C CYS A 281 19.27 31.36 -3.28
N TRP A 282 19.73 32.37 -2.54
CA TRP A 282 20.44 33.50 -3.13
C TRP A 282 21.92 33.24 -3.27
N ASN A 283 22.31 32.07 -3.76
CA ASN A 283 23.71 31.77 -3.97
C ASN A 283 24.17 32.30 -5.33
N ASN A 284 25.30 33.01 -5.35
CA ASN A 284 25.87 33.44 -6.62
C ASN A 284 26.22 32.24 -7.51
N ASN A 285 26.64 31.12 -6.92
CA ASN A 285 26.95 29.93 -7.69
C ASN A 285 25.65 29.21 -8.02
N VAL A 286 25.24 29.32 -9.29
CA VAL A 286 23.99 28.72 -9.76
C VAL A 286 23.85 27.27 -9.30
N ASN A 287 24.95 26.52 -9.34
CA ASN A 287 24.89 25.08 -9.13
C ASN A 287 24.82 24.71 -7.67
N GLN A 288 25.04 25.66 -6.77
CA GLN A 288 24.92 25.43 -5.34
C GLN A 288 23.54 25.77 -4.79
N ARG A 289 22.64 26.29 -5.62
CA ARG A 289 21.32 26.53 -5.07
C ARG A 289 20.60 25.20 -4.84
N PRO A 290 19.74 25.11 -3.84
CA PRO A 290 19.10 23.83 -3.54
C PRO A 290 18.05 23.49 -4.58
N SER A 291 17.63 22.23 -4.58
CA SER A 291 16.55 21.83 -5.46
C SER A 291 15.20 22.21 -4.85
N PHE A 292 14.17 22.22 -5.69
CA PHE A 292 12.84 22.46 -5.14
C PHE A 292 12.37 21.29 -4.27
N ARG A 293 12.75 20.05 -4.60
CA ARG A 293 12.37 18.94 -3.72
C ARG A 293 13.00 19.10 -2.34
N ASP A 294 14.27 19.50 -2.26
CA ASP A 294 14.91 19.69 -0.98
C ASP A 294 14.31 20.88 -0.23
N LEU A 295 14.00 21.96 -0.97
CA LEU A 295 13.34 23.10 -0.33
C LEU A 295 12.03 22.68 0.30
N ALA A 296 11.25 21.86 -0.42
CA ALA A 296 10.01 21.33 0.11
C ALA A 296 10.24 20.48 1.35
N LEU A 297 11.24 19.59 1.29
CA LEU A 297 11.59 18.75 2.43
C LEU A 297 11.89 19.59 3.67
N ARG A 298 12.69 20.63 3.50
CA ARG A 298 13.11 21.45 4.62
C ARG A 298 11.96 22.27 5.17
N VAL A 299 11.19 22.88 4.29
CA VAL A 299 10.02 23.65 4.72
C VAL A 299 9.07 22.73 5.47
N ASP A 300 8.89 21.50 4.99
CA ASP A 300 7.97 20.58 5.66
C ASP A 300 8.51 20.15 7.02
N GLN A 301 9.84 19.95 7.13
CA GLN A 301 10.41 19.61 8.42
C GLN A 301 10.22 20.74 9.43
N ILE A 302 10.46 21.98 9.00
CA ILE A 302 10.27 23.13 9.90
C ILE A 302 8.80 23.25 10.30
N ARG A 303 7.89 23.10 9.34
CA ARG A 303 6.46 23.25 9.64
C ARG A 303 5.99 22.15 10.58
N ASP A 304 6.48 20.91 10.40
CA ASP A 304 6.13 19.83 11.31
C ASP A 304 6.75 20.03 12.70
N ASN A 305 7.96 20.60 12.77
CA ASN A 305 8.52 20.93 14.07
C ASN A 305 7.70 22.01 14.77
N MET A 306 7.21 22.99 14.02
CA MET A 306 6.44 24.06 14.65
C MET A 306 5.11 23.56 15.20
N ALA A 307 4.56 22.50 14.60
CA ALA A 307 3.24 21.99 15.00
C ALA A 307 3.37 20.94 16.11
N THR B 18 41.42 12.42 0.76
CA THR B 18 40.23 12.34 -0.08
C THR B 18 39.14 13.36 0.31
N GLN B 19 39.49 14.32 1.16
CA GLN B 19 38.61 15.43 1.50
C GLN B 19 38.83 16.55 0.48
N PHE B 20 37.85 16.79 -0.38
CA PHE B 20 37.86 17.94 -1.26
C PHE B 20 37.11 19.10 -0.61
N GLU B 21 37.64 20.31 -0.76
CA GLU B 21 37.03 21.51 -0.21
C GLU B 21 36.14 22.14 -1.26
N GLU B 22 34.85 22.32 -0.93
CA GLU B 22 33.90 22.86 -1.90
C GLU B 22 34.30 24.27 -2.34
N ARG B 23 34.92 25.02 -1.43
CA ARG B 23 35.56 26.30 -1.75
C ARG B 23 36.32 26.26 -3.07
N HIS B 24 37.03 25.15 -3.36
CA HIS B 24 37.89 25.08 -4.52
C HIS B 24 37.25 24.39 -5.73
N LEU B 25 36.10 23.73 -5.57
CA LEU B 25 35.41 23.11 -6.71
C LEU B 25 34.79 24.20 -7.57
N LYS B 26 35.26 24.33 -8.81
CA LYS B 26 34.79 25.38 -9.71
C LYS B 26 33.88 24.75 -10.76
N PHE B 27 32.61 25.11 -10.74
CA PHE B 27 31.62 24.51 -11.62
C PHE B 27 31.89 24.86 -13.07
N LEU B 28 31.89 23.85 -13.93
CA LEU B 28 32.07 24.03 -15.37
C LEU B 28 30.80 23.76 -16.15
N GLN B 29 30.15 22.64 -15.90
CA GLN B 29 28.87 22.38 -16.55
C GLN B 29 28.26 21.14 -15.93
N GLN B 30 27.07 20.81 -16.35
CA GLN B 30 26.47 19.57 -15.90
C GLN B 30 26.74 18.44 -16.89
N LEU B 31 26.95 17.23 -16.35
CA LEU B 31 27.32 16.07 -17.13
C LEU B 31 26.18 15.09 -17.31
N GLY B 32 25.32 14.96 -16.31
CA GLY B 32 24.35 13.88 -16.35
C GLY B 32 23.44 13.95 -15.15
N LYS B 33 22.25 13.41 -15.34
CA LYS B 33 21.16 13.57 -14.40
C LYS B 33 20.51 12.22 -14.14
N GLY B 34 20.50 11.79 -12.89
CA GLY B 34 19.66 10.70 -12.47
C GLY B 34 18.33 11.21 -11.96
N ASN B 35 17.53 10.30 -11.41
CA ASN B 35 16.24 10.68 -10.87
C ASN B 35 16.34 11.37 -9.53
N PHE B 36 17.33 11.04 -8.72
CA PHE B 36 17.48 11.70 -7.42
C PHE B 36 18.80 12.42 -7.26
N GLY B 37 19.66 12.37 -8.29
CA GLY B 37 21.00 12.91 -8.20
C GLY B 37 21.52 13.33 -9.56
N SER B 38 22.59 14.10 -9.54
CA SER B 38 23.16 14.60 -10.78
C SER B 38 24.68 14.64 -10.69
N VAL B 39 25.32 14.67 -11.85
CA VAL B 39 26.77 14.73 -11.95
C VAL B 39 27.16 15.98 -12.72
N GLU B 40 28.12 16.73 -12.17
CA GLU B 40 28.62 17.99 -12.69
C GLU B 40 30.11 17.90 -12.99
N MET B 41 30.54 18.49 -14.10
CA MET B 41 31.95 18.71 -14.37
C MET B 41 32.41 19.98 -13.64
N CYS B 42 33.42 19.82 -12.79
CA CYS B 42 34.04 20.92 -12.07
C CYS B 42 35.56 20.85 -12.22
N ARG B 43 36.22 21.96 -11.92
CA ARG B 43 37.67 21.99 -11.80
C ARG B 43 38.00 22.22 -10.33
N TYR B 44 38.68 21.25 -9.72
CA TYR B 44 39.33 21.48 -8.44
C TYR B 44 40.53 22.38 -8.70
N ASP B 45 40.41 23.65 -8.30
CA ASP B 45 41.36 24.70 -8.68
C ASP B 45 41.67 25.60 -7.49
N PRO B 46 42.29 25.06 -6.44
CA PRO B 46 42.62 25.91 -5.28
C PRO B 46 43.56 27.07 -5.61
N LEU B 47 44.43 26.94 -6.60
CA LEU B 47 45.28 28.05 -7.02
C LEU B 47 44.54 29.06 -7.89
N GLN B 48 43.36 28.73 -8.37
CA GLN B 48 42.52 29.66 -9.14
C GLN B 48 43.27 30.20 -10.36
N ASP B 49 44.14 29.39 -10.93
CA ASP B 49 44.86 29.71 -12.16
C ASP B 49 44.58 28.69 -13.25
N ASN B 50 43.52 27.88 -13.08
CA ASN B 50 43.05 26.93 -14.09
C ASN B 50 44.03 25.77 -14.33
N THR B 51 44.94 25.52 -13.40
CA THR B 51 45.78 24.33 -13.46
C THR B 51 45.16 23.13 -12.76
N GLY B 52 44.15 23.36 -11.91
CA GLY B 52 43.55 22.29 -11.15
C GLY B 52 42.99 21.21 -12.04
N GLU B 53 42.67 20.08 -11.41
CA GLU B 53 42.20 18.90 -12.14
C GLU B 53 40.70 18.99 -12.40
N VAL B 54 40.29 18.54 -13.59
CA VAL B 54 38.85 18.44 -13.88
C VAL B 54 38.32 17.12 -13.35
N VAL B 55 37.21 17.17 -12.61
CA VAL B 55 36.65 16.02 -11.94
C VAL B 55 35.13 16.05 -12.07
N ALA B 56 34.55 14.88 -11.78
CA ALA B 56 33.11 14.67 -11.80
C ALA B 56 32.58 14.71 -10.37
N VAL B 57 31.51 15.44 -10.16
CA VAL B 57 30.94 15.60 -8.82
C VAL B 57 29.50 15.11 -8.85
N LYS B 58 29.18 14.14 -8.00
CA LYS B 58 27.84 13.61 -7.92
C LYS B 58 27.20 14.14 -6.64
N LYS B 59 26.00 14.67 -6.76
CA LYS B 59 25.28 15.18 -5.60
C LYS B 59 23.83 14.71 -5.66
N LEU B 60 23.17 14.76 -4.50
CA LEU B 60 21.77 14.38 -4.37
C LEU B 60 20.87 15.57 -4.67
N GLN B 61 19.80 15.33 -5.40
CA GLN B 61 18.80 16.36 -5.63
C GLN B 61 17.54 16.17 -4.79
N HIS B 62 17.45 15.06 -4.05
CA HIS B 62 16.32 14.72 -3.19
C HIS B 62 16.90 14.08 -1.94
N SER B 63 17.30 14.92 -0.98
CA SER B 63 18.10 14.47 0.16
C SER B 63 17.25 13.98 1.33
N THR B 64 16.33 13.08 1.02
CA THR B 64 15.69 12.33 2.10
C THR B 64 16.71 11.53 2.88
N GLU B 65 16.32 11.19 4.11
CA GLU B 65 17.13 10.32 4.93
C GLU B 65 17.44 9.00 4.21
N GLU B 66 16.42 8.43 3.55
CA GLU B 66 16.62 7.18 2.81
C GLU B 66 17.65 7.36 1.70
N HIS B 67 17.45 8.36 0.85
CA HIS B 67 18.38 8.62 -0.24
C HIS B 67 19.77 8.96 0.30
N LEU B 68 19.84 9.63 1.45
CA LEU B 68 21.13 10.04 1.99
C LEU B 68 21.94 8.83 2.41
N ARG B 69 21.28 7.88 3.09
CA ARG B 69 21.98 6.66 3.49
C ARG B 69 22.38 5.83 2.27
N ASP B 70 21.48 5.74 1.28
CA ASP B 70 21.83 5.08 0.03
C ASP B 70 23.06 5.72 -0.61
N PHE B 71 23.18 7.04 -0.54
CA PHE B 71 24.31 7.71 -1.15
C PHE B 71 25.59 7.44 -0.38
N GLU B 72 25.49 7.33 0.94
CA GLU B 72 26.68 6.99 1.70
C GLU B 72 27.15 5.57 1.37
N ARG B 73 26.20 4.64 1.24
CA ARG B 73 26.54 3.27 0.87
C ARG B 73 27.14 3.20 -0.53
N GLU B 74 26.60 3.99 -1.47
CA GLU B 74 27.14 4.07 -2.82
C GLU B 74 28.56 4.60 -2.82
N ILE B 75 28.82 5.64 -2.03
CA ILE B 75 30.19 6.15 -1.93
C ILE B 75 31.12 5.05 -1.43
N GLU B 76 30.73 4.33 -0.37
CA GLU B 76 31.57 3.25 0.14
C GLU B 76 31.83 2.19 -0.93
N ILE B 77 30.77 1.76 -1.62
CA ILE B 77 30.91 0.81 -2.70
C ILE B 77 31.95 1.30 -3.71
N LEU B 78 31.84 2.55 -4.16
CA LEU B 78 32.74 3.02 -5.20
C LEU B 78 34.15 3.14 -4.69
N LYS B 79 34.31 3.60 -3.45
CA LYS B 79 35.64 3.63 -2.85
C LYS B 79 36.26 2.24 -2.86
N SER B 80 35.46 1.21 -2.66
CA SER B 80 36.01 -0.13 -2.49
C SER B 80 36.31 -0.82 -3.81
N LEU B 81 36.23 -0.11 -4.94
CA LEU B 81 36.39 -0.70 -6.27
C LEU B 81 37.61 -0.09 -6.93
N GLN B 82 38.49 -0.96 -7.44
CA GLN B 82 39.69 -0.56 -8.16
C GLN B 82 39.76 -1.46 -9.40
N HIS B 83 39.43 -0.90 -10.56
CA HIS B 83 39.45 -1.69 -11.78
C HIS B 83 39.50 -0.73 -12.97
N ASP B 84 40.20 -1.16 -14.02
CA ASP B 84 40.42 -0.29 -15.18
C ASP B 84 39.12 0.12 -15.85
N ASN B 85 38.08 -0.71 -15.76
CA ASN B 85 36.79 -0.45 -16.38
C ASN B 85 35.73 -0.07 -15.33
N ILE B 86 36.17 0.48 -14.20
CA ILE B 86 35.27 1.06 -13.23
C ILE B 86 35.74 2.48 -12.96
N VAL B 87 34.81 3.44 -13.04
CA VAL B 87 35.18 4.84 -12.90
C VAL B 87 35.83 5.07 -11.54
N LYS B 88 36.83 5.96 -11.52
CA LYS B 88 37.70 6.08 -10.36
C LYS B 88 37.07 6.97 -9.29
N TYR B 89 36.87 6.38 -8.12
CA TYR B 89 36.66 7.14 -6.92
C TYR B 89 37.87 8.03 -6.65
N LYS B 90 37.63 9.30 -6.40
CA LYS B 90 38.67 10.25 -6.03
C LYS B 90 38.53 10.77 -4.62
N GLY B 91 37.31 10.96 -4.14
CA GLY B 91 37.13 11.40 -2.77
C GLY B 91 35.71 11.86 -2.53
N VAL B 92 35.55 12.66 -1.48
CA VAL B 92 34.26 13.15 -1.06
C VAL B 92 34.38 14.62 -0.75
N CYS B 93 33.22 15.27 -0.63
CA CYS B 93 33.13 16.69 -0.34
C CYS B 93 31.90 16.89 0.53
N TYR B 94 32.04 17.63 1.62
CA TYR B 94 30.86 17.94 2.41
C TYR B 94 31.06 19.25 3.14
N SER B 95 29.97 19.73 3.75
CA SER B 95 29.95 20.89 4.61
C SER B 95 29.67 20.45 6.04
N ALA B 96 30.33 21.11 6.98
CA ALA B 96 30.27 20.77 8.40
C ALA B 96 28.83 20.71 8.91
N GLY B 97 28.38 19.53 9.31
CA GLY B 97 29.16 18.30 9.17
C GLY B 97 28.35 17.24 8.44
N ARG B 98 28.91 16.71 7.35
CA ARG B 98 28.27 15.74 6.47
C ARG B 98 26.99 16.28 5.83
N ARG B 99 26.82 17.59 5.70
CA ARG B 99 25.72 18.13 4.93
C ARG B 99 26.21 18.52 3.54
N ASN B 100 25.31 18.39 2.56
CA ASN B 100 25.65 18.56 1.15
C ASN B 100 26.77 17.61 0.72
N LEU B 101 26.71 16.37 1.21
CA LEU B 101 27.67 15.36 0.84
C LEU B 101 27.75 15.17 -0.67
N LYS B 102 28.96 15.20 -1.21
CA LYS B 102 29.17 15.05 -2.63
C LYS B 102 30.26 14.02 -2.90
N LEU B 103 30.06 13.23 -3.96
CA LEU B 103 31.00 12.18 -4.36
C LEU B 103 31.88 12.72 -5.48
N ILE B 104 33.19 12.49 -5.35
CA ILE B 104 34.15 13.01 -6.32
C ILE B 104 34.74 11.83 -7.11
N MET B 105 34.66 11.91 -8.42
CA MET B 105 35.10 10.88 -9.30
C MET B 105 36.01 11.47 -10.38
N GLU B 106 36.78 10.60 -11.03
CA GLU B 106 37.52 11.03 -12.21
C GLU B 106 36.52 11.48 -13.29
N TYR B 107 36.97 12.39 -14.14
CA TYR B 107 36.21 12.88 -15.28
C TYR B 107 36.56 12.06 -16.54
N LEU B 108 35.58 11.39 -17.12
CA LEU B 108 35.74 10.73 -18.41
C LEU B 108 35.17 11.61 -19.51
N PRO B 109 35.96 11.98 -20.51
CA PRO B 109 35.58 13.13 -21.36
C PRO B 109 34.72 12.84 -22.59
N TYR B 110 34.28 11.60 -22.85
CA TYR B 110 33.59 11.32 -24.09
C TYR B 110 32.18 10.82 -23.87
N GLY B 111 31.63 11.08 -22.70
CA GLY B 111 30.22 10.89 -22.49
C GLY B 111 29.85 9.44 -22.32
N SER B 112 28.54 9.20 -22.41
CA SER B 112 28.02 7.86 -22.27
C SER B 112 28.36 7.02 -23.50
N LEU B 113 28.45 5.71 -23.30
CA LEU B 113 28.63 4.83 -24.46
C LEU B 113 27.44 4.92 -25.39
N ARG B 114 26.24 5.22 -24.86
CA ARG B 114 25.06 5.34 -25.69
C ARG B 114 25.22 6.47 -26.71
N ASP B 115 25.56 7.68 -26.22
CA ASP B 115 25.73 8.79 -27.14
C ASP B 115 26.91 8.56 -28.05
N TYR B 116 28.05 8.11 -27.50
CA TYR B 116 29.28 7.93 -28.27
C TYR B 116 29.05 6.97 -29.42
N LEU B 117 28.50 5.80 -29.10
CA LEU B 117 28.17 4.82 -30.13
C LEU B 117 27.32 5.45 -31.21
N GLN B 118 26.33 6.26 -30.85
CA GLN B 118 25.53 6.84 -31.92
C GLN B 118 26.33 7.86 -32.75
N LYS B 119 27.20 8.64 -32.10
CA LYS B 119 28.04 9.63 -32.77
C LYS B 119 29.11 9.03 -33.67
N HIS B 120 29.47 7.75 -33.50
CA HIS B 120 30.61 7.20 -34.23
C HIS B 120 30.27 5.88 -34.90
N LYS B 121 29.00 5.71 -35.30
CA LYS B 121 28.52 4.51 -35.98
C LYS B 121 29.46 4.06 -37.10
N GLU B 122 29.95 5.01 -37.90
CA GLU B 122 30.68 4.68 -39.12
C GLU B 122 32.10 4.17 -38.87
N ARG B 123 32.68 4.42 -37.70
CA ARG B 123 34.02 3.93 -37.44
C ARG B 123 34.11 2.83 -36.40
N ILE B 124 32.99 2.38 -35.83
CA ILE B 124 33.00 1.33 -34.82
C ILE B 124 32.48 0.06 -35.48
N ASP B 125 33.36 -0.89 -35.78
CA ASP B 125 32.95 -2.13 -36.40
C ASP B 125 32.66 -3.18 -35.33
N HIS B 126 32.45 -4.43 -35.74
CA HIS B 126 31.99 -5.44 -34.79
C HIS B 126 33.06 -5.81 -33.79
N ILE B 127 34.34 -5.82 -34.21
CA ILE B 127 35.40 -6.17 -33.28
C ILE B 127 35.62 -5.07 -32.25
N LYS B 128 35.45 -3.80 -32.64
CA LYS B 128 35.55 -2.72 -31.66
C LYS B 128 34.42 -2.82 -30.63
N LEU B 129 33.19 -3.09 -31.09
CA LEU B 129 32.09 -3.35 -30.15
C LEU B 129 32.44 -4.48 -29.19
N LEU B 130 33.19 -5.49 -29.67
CA LEU B 130 33.53 -6.63 -28.82
C LEU B 130 34.67 -6.29 -27.84
N GLN B 131 35.54 -5.36 -28.21
CA GLN B 131 36.49 -4.82 -27.24
C GLN B 131 35.77 -4.11 -26.09
N TYR B 132 34.79 -3.27 -26.43
CA TYR B 132 34.01 -2.63 -25.37
C TYR B 132 33.31 -3.68 -24.52
N THR B 133 32.62 -4.62 -25.17
CA THR B 133 31.91 -5.70 -24.48
C THR B 133 32.84 -6.43 -23.52
N SER B 134 34.01 -6.84 -24.01
CA SER B 134 34.97 -7.54 -23.16
C SER B 134 35.31 -6.71 -21.93
N GLN B 135 35.60 -5.42 -22.13
CA GLN B 135 35.87 -4.56 -20.99
C GLN B 135 34.70 -4.56 -20.00
N ILE B 136 33.47 -4.54 -20.52
CA ILE B 136 32.32 -4.46 -19.62
C ILE B 136 32.21 -5.76 -18.82
N CYS B 137 32.40 -6.90 -19.50
CA CYS B 137 32.38 -8.19 -18.82
C CYS B 137 33.41 -8.24 -17.70
N LYS B 138 34.65 -7.79 -17.97
CA LYS B 138 35.69 -7.86 -16.96
C LYS B 138 35.39 -6.94 -15.78
N GLY B 139 34.90 -5.73 -16.05
CA GLY B 139 34.41 -4.90 -14.96
C GLY B 139 33.35 -5.58 -14.12
N MET B 140 32.40 -6.27 -14.77
CA MET B 140 31.34 -6.94 -14.03
C MET B 140 31.85 -8.16 -13.27
N GLU B 141 32.82 -8.88 -13.83
CA GLU B 141 33.41 -10.02 -13.13
C GLU B 141 34.11 -9.56 -11.86
N TYR B 142 34.84 -8.44 -11.95
CA TYR B 142 35.44 -7.86 -10.77
C TYR B 142 34.38 -7.46 -9.75
N LEU B 143 33.28 -6.88 -10.24
CA LEU B 143 32.19 -6.51 -9.36
C LEU B 143 31.64 -7.73 -8.63
N GLY B 144 31.51 -8.85 -9.34
CA GLY B 144 31.00 -10.05 -8.72
C GLY B 144 31.92 -10.59 -7.63
N THR B 145 33.24 -10.51 -7.84
CA THR B 145 34.15 -10.96 -6.79
C THR B 145 33.93 -10.20 -5.49
N LYS B 146 33.45 -8.95 -5.56
CA LYS B 146 33.14 -8.20 -4.35
C LYS B 146 31.70 -8.42 -3.86
N ARG B 147 30.93 -9.29 -4.53
CA ARG B 147 29.54 -9.59 -4.17
C ARG B 147 28.65 -8.35 -4.23
N TYR B 148 28.92 -7.50 -5.22
CA TYR B 148 28.11 -6.33 -5.53
C TYR B 148 27.19 -6.62 -6.72
N ILE B 149 25.92 -6.23 -6.61
CA ILE B 149 24.93 -6.44 -7.66
C ILE B 149 24.56 -5.07 -8.24
N HIS B 150 24.90 -4.83 -9.51
CA HIS B 150 24.82 -3.49 -10.05
C HIS B 150 23.39 -3.00 -10.20
N ARG B 151 22.51 -3.83 -10.77
CA ARG B 151 21.07 -3.63 -10.91
C ARG B 151 20.68 -2.61 -11.97
N ASP B 152 21.64 -1.96 -12.65
CA ASP B 152 21.28 -0.93 -13.62
C ASP B 152 22.30 -0.88 -14.73
N LEU B 153 22.72 -2.05 -15.22
CA LEU B 153 23.67 -2.13 -16.33
C LEU B 153 22.98 -1.76 -17.64
N ALA B 154 23.56 -0.82 -18.38
CA ALA B 154 22.92 -0.24 -19.56
C ALA B 154 23.90 0.72 -20.21
N THR B 155 23.80 0.87 -21.54
CA THR B 155 24.81 1.70 -22.18
C THR B 155 24.71 3.17 -21.77
N ARG B 156 23.57 3.61 -21.24
CA ARG B 156 23.49 4.97 -20.72
C ARG B 156 24.34 5.14 -19.46
N ASN B 157 24.74 4.03 -18.82
CA ASN B 157 25.52 4.03 -17.59
C ASN B 157 26.96 3.61 -17.82
N ILE B 158 27.38 3.47 -19.07
CA ILE B 158 28.77 3.19 -19.44
C ILE B 158 29.36 4.48 -20.00
N LEU B 159 30.57 4.84 -19.55
CA LEU B 159 31.25 6.06 -19.95
C LEU B 159 32.47 5.73 -20.79
N VAL B 160 32.87 6.67 -21.64
CA VAL B 160 33.91 6.47 -22.62
C VAL B 160 35.11 7.35 -22.27
N GLU B 161 36.21 6.75 -21.80
CA GLU B 161 37.45 7.49 -21.56
C GLU B 161 38.16 7.86 -22.86
N ASN B 162 38.18 6.95 -23.83
CA ASN B 162 38.69 7.21 -25.18
C ASN B 162 38.22 6.07 -26.06
N GLU B 163 38.61 6.10 -27.34
CA GLU B 163 38.10 5.12 -28.31
C GLU B 163 38.46 3.68 -27.97
N ASN B 164 39.37 3.43 -27.03
CA ASN B 164 39.71 2.06 -26.69
C ASN B 164 39.29 1.63 -25.29
N ARG B 165 38.62 2.50 -24.53
CA ARG B 165 38.48 2.30 -23.09
C ARG B 165 37.12 2.83 -22.64
N VAL B 166 36.28 1.93 -22.10
CA VAL B 166 35.00 2.27 -21.47
C VAL B 166 35.03 1.83 -20.01
N LYS B 167 34.14 2.43 -19.21
CA LYS B 167 34.07 2.16 -17.78
C LYS B 167 32.61 2.19 -17.33
N ILE B 168 32.24 1.25 -16.46
CA ILE B 168 30.97 1.38 -15.75
C ILE B 168 31.04 2.64 -14.91
N GLY B 169 30.01 3.49 -15.00
CA GLY B 169 30.13 4.86 -14.54
C GLY B 169 29.23 5.30 -13.41
N ASP B 170 28.20 4.52 -13.07
CA ASP B 170 27.32 4.90 -11.99
C ASP B 170 26.88 3.66 -11.23
N PHE B 171 26.74 3.81 -9.91
CA PHE B 171 26.46 2.72 -8.99
C PHE B 171 25.33 3.10 -8.04
N GLY B 172 24.46 4.02 -8.47
CA GLY B 172 23.37 4.49 -7.61
C GLY B 172 22.41 3.39 -7.16
N LEU B 173 22.31 2.31 -7.93
CA LEU B 173 21.42 1.20 -7.58
C LEU B 173 22.16 -0.01 -7.04
N THR B 174 23.48 0.07 -6.92
CA THR B 174 24.28 -1.10 -6.58
C THR B 174 24.01 -1.51 -5.14
N LYS B 175 23.87 -2.82 -4.93
CA LYS B 175 23.59 -3.41 -3.64
C LYS B 175 24.65 -4.47 -3.33
N VAL B 176 24.85 -4.69 -2.05
CA VAL B 176 25.76 -5.73 -1.59
C VAL B 176 24.93 -6.97 -1.31
N LEU B 177 25.45 -8.14 -1.68
CA LEU B 177 24.75 -9.34 -1.34
C LEU B 177 24.77 -9.56 0.17
N PRO B 178 23.70 -10.11 0.73
CA PRO B 178 23.79 -10.60 2.11
C PRO B 178 24.80 -11.73 2.16
N GLN B 179 25.40 -11.91 3.33
CA GLN B 179 26.42 -12.94 3.47
C GLN B 179 25.83 -14.33 3.28
N ASP B 180 24.57 -14.50 3.65
CA ASP B 180 23.92 -15.80 3.65
C ASP B 180 23.20 -16.14 2.35
N LYS B 181 23.08 -15.20 1.40
CA LYS B 181 22.26 -15.43 0.21
C LYS B 181 22.99 -14.97 -1.05
N GLU B 182 22.57 -15.53 -2.18
CA GLU B 182 23.14 -15.18 -3.49
C GLU B 182 22.22 -14.27 -4.28
N PTR B 183 21.09 -13.89 -3.70
CA PTR B 183 20.27 -12.86 -4.33
C PTR B 183 20.00 -11.81 -3.28
O PTR B 183 20.23 -12.03 -2.09
CB PTR B 183 18.96 -13.40 -4.91
CG PTR B 183 18.12 -14.16 -3.90
CD1 PTR B 183 17.18 -13.50 -3.11
CD2 PTR B 183 18.29 -15.53 -3.74
CE1 PTR B 183 16.43 -14.21 -2.18
CE2 PTR B 183 17.55 -16.23 -2.81
CZ PTR B 183 16.62 -15.56 -2.04
OH PTR B 183 15.92 -16.21 -1.16
P PTR B 183 14.48 -16.83 -1.50
O1P PTR B 183 14.71 -18.24 -1.91
O2P PTR B 183 13.78 -16.06 -2.65
O3P PTR B 183 13.63 -16.75 -0.22
N TYR B 184 19.53 -10.66 -3.74
CA TYR B 184 19.11 -9.61 -2.84
C TYR B 184 17.71 -9.18 -3.28
N LYS B 185 16.77 -9.16 -2.34
CA LYS B 185 15.40 -8.76 -2.64
C LYS B 185 15.21 -7.32 -2.23
N VAL B 186 14.90 -6.48 -3.20
CA VAL B 186 14.72 -5.05 -2.98
C VAL B 186 13.28 -4.79 -2.54
N LYS B 187 13.11 -4.37 -1.27
CA LYS B 187 11.89 -3.70 -0.78
C LYS B 187 12.20 -2.20 -0.78
N GLU B 188 12.27 -1.63 -1.99
CA GLU B 188 12.37 -0.22 -2.21
C GLU B 188 11.10 0.22 -2.92
N PRO B 189 10.49 1.31 -2.48
CA PRO B 189 9.90 2.24 -3.44
C PRO B 189 11.01 2.97 -4.18
N GLY B 190 11.04 2.84 -5.50
CA GLY B 190 12.12 3.48 -6.21
C GLY B 190 12.00 3.29 -7.70
N GLU B 191 13.08 3.63 -8.39
CA GLU B 191 13.10 3.58 -9.84
C GLU B 191 13.55 2.20 -10.35
N SER B 192 12.92 1.75 -11.43
CA SER B 192 13.17 0.43 -12.00
C SER B 192 13.24 0.52 -13.52
N PRO B 193 14.41 0.24 -14.12
CA PRO B 193 14.60 0.14 -15.59
C PRO B 193 14.11 -1.21 -16.12
N ILE B 194 12.77 -1.31 -16.22
CA ILE B 194 12.10 -2.60 -16.38
C ILE B 194 12.48 -3.30 -17.67
N PHE B 195 12.82 -2.54 -18.70
CA PHE B 195 13.16 -3.16 -19.97
C PHE B 195 14.58 -3.72 -19.99
N TRP B 196 15.35 -3.52 -18.93
CA TRP B 196 16.60 -4.22 -18.71
C TRP B 196 16.50 -5.29 -17.62
N TYR B 197 15.32 -5.50 -17.04
CA TYR B 197 15.20 -6.31 -15.84
C TYR B 197 15.01 -7.77 -16.19
N ALA B 198 15.62 -8.64 -15.39
CA ALA B 198 15.34 -10.07 -15.52
C ALA B 198 13.91 -10.36 -15.06
N PRO B 199 13.31 -11.45 -15.54
CA PRO B 199 11.95 -11.79 -15.08
C PRO B 199 11.81 -11.88 -13.57
N GLU B 200 12.80 -12.46 -12.89
CA GLU B 200 12.65 -12.56 -11.46
C GLU B 200 12.74 -11.20 -10.79
N SER B 201 13.43 -10.24 -11.41
CA SER B 201 13.42 -8.89 -10.86
C SER B 201 12.06 -8.24 -11.03
N LEU B 202 11.44 -8.45 -12.19
CA LEU B 202 10.12 -7.92 -12.44
C LEU B 202 9.09 -8.50 -11.46
N THR B 203 9.10 -9.82 -11.27
CA THR B 203 8.08 -10.48 -10.46
C THR B 203 8.35 -10.41 -8.96
N GLU B 204 9.59 -10.64 -8.53
CA GLU B 204 9.85 -10.80 -7.11
C GLU B 204 10.86 -9.79 -6.57
N SER B 205 11.26 -8.81 -7.38
CA SER B 205 12.35 -7.89 -7.04
C SER B 205 13.58 -8.64 -6.56
N LYS B 206 13.90 -9.74 -7.23
CA LYS B 206 15.08 -10.54 -6.91
C LYS B 206 16.24 -10.06 -7.77
N PHE B 207 17.33 -9.66 -7.13
CA PHE B 207 18.51 -9.19 -7.85
C PHE B 207 19.72 -10.02 -7.47
N SER B 208 20.57 -10.29 -8.47
CA SER B 208 21.67 -11.21 -8.31
C SER B 208 22.66 -10.99 -9.45
N VAL B 209 23.74 -11.77 -9.43
CA VAL B 209 24.65 -11.75 -10.57
C VAL B 209 23.92 -12.17 -11.84
N ALA B 210 23.06 -13.18 -11.74
CA ALA B 210 22.39 -13.63 -12.96
C ALA B 210 21.44 -12.56 -13.53
N SER B 211 20.81 -11.72 -12.69
CA SER B 211 20.02 -10.64 -13.28
C SER B 211 20.94 -9.55 -13.87
N ASP B 212 22.12 -9.33 -13.27
CA ASP B 212 23.11 -8.48 -13.93
C ASP B 212 23.51 -9.04 -15.29
N VAL B 213 23.60 -10.38 -15.41
CA VAL B 213 23.95 -11.02 -16.68
C VAL B 213 22.83 -10.86 -17.70
N TRP B 214 21.57 -10.97 -17.25
CA TRP B 214 20.45 -10.65 -18.13
C TRP B 214 20.57 -9.24 -18.68
N SER B 215 20.82 -8.28 -17.78
CA SER B 215 20.93 -6.87 -18.19
C SER B 215 22.11 -6.68 -19.14
N PHE B 216 23.22 -7.38 -18.87
CA PHE B 216 24.34 -7.36 -19.81
C PHE B 216 23.90 -7.83 -21.19
N GLY B 217 23.10 -8.89 -21.25
CA GLY B 217 22.55 -9.31 -22.53
C GLY B 217 21.85 -8.16 -23.23
N VAL B 218 21.08 -7.38 -22.48
CA VAL B 218 20.42 -6.22 -23.09
C VAL B 218 21.45 -5.20 -23.56
N VAL B 219 22.54 -5.01 -22.80
CA VAL B 219 23.61 -4.09 -23.21
C VAL B 219 24.23 -4.52 -24.54
N LEU B 220 24.48 -5.82 -24.69
CA LEU B 220 25.07 -6.33 -25.92
C LEU B 220 24.14 -6.09 -27.10
N TYR B 221 22.84 -6.32 -26.87
CA TYR B 221 21.82 -5.95 -27.86
C TYR B 221 21.91 -4.46 -28.20
N GLU B 222 22.02 -3.59 -27.19
CA GLU B 222 22.06 -2.16 -27.45
C GLU B 222 23.23 -1.82 -28.35
N LEU B 223 24.41 -2.31 -27.96
CA LEU B 223 25.63 -2.07 -28.74
C LEU B 223 25.42 -2.46 -30.20
N PHE B 224 24.88 -3.64 -30.44
CA PHE B 224 24.77 -4.02 -31.85
C PHE B 224 23.58 -3.39 -32.55
N THR B 225 22.68 -2.69 -31.83
CA THR B 225 21.74 -1.81 -32.54
C THR B 225 22.36 -0.49 -32.94
N TYR B 226 23.54 -0.16 -32.40
CA TYR B 226 24.17 1.14 -32.60
C TYR B 226 23.26 2.27 -32.18
N ILE B 227 22.38 1.98 -31.21
CA ILE B 227 21.39 2.91 -30.67
C ILE B 227 20.56 3.55 -31.78
N GLU B 228 20.20 2.77 -32.80
CA GLU B 228 19.17 3.22 -33.73
C GLU B 228 17.88 3.53 -32.96
N LYS B 229 17.17 4.59 -33.38
CA LYS B 229 16.07 5.11 -32.57
C LYS B 229 14.93 4.10 -32.41
N SER B 230 14.48 3.52 -33.53
CA SER B 230 13.38 2.56 -33.50
C SER B 230 13.74 1.28 -32.77
N LYS B 231 15.03 1.02 -32.54
CA LYS B 231 15.50 -0.29 -32.09
C LYS B 231 15.88 -0.31 -30.60
N SER B 232 15.60 0.75 -29.86
CA SER B 232 15.89 0.75 -28.44
C SER B 232 15.08 -0.35 -27.73
N PRO B 233 15.61 -0.91 -26.64
CA PRO B 233 14.87 -1.94 -25.90
C PRO B 233 13.48 -1.47 -25.49
N PRO B 234 13.31 -0.26 -24.92
CA PRO B 234 11.92 0.15 -24.59
C PRO B 234 11.01 0.21 -25.80
N ALA B 235 11.49 0.80 -26.91
CA ALA B 235 10.71 0.80 -28.16
C ALA B 235 10.34 -0.61 -28.59
N GLU B 236 11.31 -1.51 -28.64
CA GLU B 236 11.04 -2.87 -29.13
C GLU B 236 10.06 -3.61 -28.23
N PHE B 237 10.22 -3.49 -26.91
CA PHE B 237 9.30 -4.17 -26.02
C PHE B 237 7.90 -3.56 -26.09
N MET B 238 7.81 -2.22 -26.15
CA MET B 238 6.52 -1.57 -26.26
C MET B 238 5.82 -2.00 -27.55
N ARG B 239 6.56 -2.05 -28.66
CA ARG B 239 5.94 -2.52 -29.89
C ARG B 239 5.56 -3.99 -29.82
N MET B 240 6.24 -4.80 -29.01
CA MET B 240 5.84 -6.19 -28.93
C MET B 240 4.62 -6.39 -28.01
N ILE B 241 4.45 -5.55 -26.99
CA ILE B 241 3.30 -5.71 -26.11
C ILE B 241 2.13 -4.83 -26.51
N GLY B 242 2.31 -3.90 -27.45
CA GLY B 242 1.28 -2.96 -27.82
C GLY B 242 1.48 -1.60 -27.16
N ASN B 243 1.56 -0.55 -27.97
CA ASN B 243 1.86 0.78 -27.43
C ASN B 243 0.72 1.37 -26.58
N ASP B 244 -0.50 0.85 -26.70
CA ASP B 244 -1.64 1.34 -25.92
C ASP B 244 -1.50 1.05 -24.42
N LYS B 245 -0.63 0.12 -24.04
CA LYS B 245 -0.50 -0.22 -22.63
C LYS B 245 0.03 0.97 -21.84
N GLN B 246 -0.44 1.11 -20.60
CA GLN B 246 -0.12 2.28 -19.79
C GLN B 246 0.34 1.85 -18.41
N GLY B 247 1.42 2.47 -17.94
CA GLY B 247 1.82 2.32 -16.55
C GLY B 247 2.06 0.86 -16.17
N GLN B 248 1.42 0.46 -15.07
CA GLN B 248 1.80 -0.79 -14.43
C GLN B 248 1.38 -1.99 -15.27
N MET B 249 0.27 -1.84 -16.01
CA MET B 249 -0.11 -2.87 -16.98
C MET B 249 1.06 -3.25 -17.89
N ILE B 250 1.87 -2.27 -18.30
CA ILE B 250 3.06 -2.55 -19.13
C ILE B 250 3.90 -3.65 -18.49
N VAL B 251 4.28 -3.44 -17.24
CA VAL B 251 5.08 -4.43 -16.52
C VAL B 251 4.43 -5.81 -16.62
N PHE B 252 3.14 -5.91 -16.27
CA PHE B 252 2.51 -7.22 -16.26
C PHE B 252 2.58 -7.87 -17.64
N HIS B 253 2.36 -7.07 -18.68
CA HIS B 253 2.41 -7.62 -20.03
C HIS B 253 3.84 -8.02 -20.37
N LEU B 254 4.80 -7.17 -20.00
CA LEU B 254 6.20 -7.50 -20.15
C LEU B 254 6.46 -8.88 -19.56
N ILE B 255 5.96 -9.09 -18.34
CA ILE B 255 6.22 -10.36 -17.66
C ILE B 255 5.71 -11.50 -18.52
N GLU B 256 4.46 -11.39 -18.96
CA GLU B 256 3.86 -12.43 -19.77
C GLU B 256 4.67 -12.65 -21.04
N LEU B 257 5.10 -11.56 -21.68
CA LEU B 257 5.92 -11.65 -22.88
C LEU B 257 7.21 -12.40 -22.59
N LEU B 258 7.87 -12.06 -21.48
CA LEU B 258 9.08 -12.77 -21.14
C LEU B 258 8.78 -14.23 -20.80
N LYS B 259 7.62 -14.49 -20.18
CA LYS B 259 7.31 -15.85 -19.74
C LYS B 259 7.16 -16.79 -20.91
N ASN B 260 6.61 -16.29 -22.02
CA ASN B 260 6.40 -17.05 -23.24
C ASN B 260 7.59 -16.94 -24.18
N ASN B 261 8.77 -16.59 -23.65
CA ASN B 261 10.02 -16.50 -24.40
C ASN B 261 9.98 -15.47 -25.53
N GLY B 262 9.20 -14.41 -25.37
CA GLY B 262 9.38 -13.24 -26.22
C GLY B 262 10.72 -12.63 -25.87
N ARG B 263 11.49 -12.25 -26.89
CA ARG B 263 12.80 -11.66 -26.67
C ARG B 263 13.00 -10.47 -27.61
N LEU B 264 14.08 -9.74 -27.39
CA LEU B 264 14.46 -8.66 -28.30
C LEU B 264 14.97 -9.26 -29.62
N PRO B 265 14.65 -8.65 -30.75
CA PRO B 265 15.03 -9.23 -32.05
C PRO B 265 16.53 -9.12 -32.29
N ARG B 266 17.06 -10.06 -33.09
CA ARG B 266 18.44 -9.96 -33.52
C ARG B 266 18.64 -8.63 -34.26
N PRO B 267 19.59 -7.80 -33.85
CA PRO B 267 19.76 -6.50 -34.49
C PRO B 267 20.24 -6.64 -35.93
N ASP B 268 19.90 -5.64 -36.74
CA ASP B 268 20.34 -5.66 -38.12
C ASP B 268 21.86 -5.84 -38.24
N GLY B 269 22.26 -6.84 -39.01
CA GLY B 269 23.68 -7.08 -39.27
C GLY B 269 24.46 -7.59 -38.09
N CYS B 270 23.81 -7.91 -37.00
CA CYS B 270 24.49 -8.52 -35.87
C CYS B 270 24.77 -9.99 -36.18
N PRO B 271 26.00 -10.45 -36.04
CA PRO B 271 26.31 -11.86 -36.35
C PRO B 271 25.58 -12.82 -35.42
N ASP B 272 25.50 -14.07 -35.87
CA ASP B 272 24.67 -15.05 -35.17
C ASP B 272 25.26 -15.43 -33.81
N GLU B 273 26.58 -15.60 -33.72
CA GLU B 273 27.22 -15.94 -32.45
C GLU B 273 26.94 -14.90 -31.39
N ILE B 274 26.94 -13.62 -31.78
CA ILE B 274 26.70 -12.55 -30.81
C ILE B 274 25.25 -12.56 -30.35
N TYR B 275 24.31 -12.70 -31.30
CA TYR B 275 22.92 -12.80 -30.89
C TYR B 275 22.70 -14.01 -29.99
N MET B 276 23.48 -15.08 -30.21
CA MET B 276 23.34 -16.28 -29.37
C MET B 276 23.83 -16.01 -27.96
N ILE B 277 24.88 -15.21 -27.81
CA ILE B 277 25.28 -14.78 -26.47
C ILE B 277 24.14 -13.99 -25.80
N MET B 278 23.56 -13.03 -26.52
CA MET B 278 22.43 -12.28 -25.95
C MET B 278 21.35 -13.23 -25.45
N THR B 279 20.85 -14.11 -26.33
CA THR B 279 19.72 -14.95 -25.96
C THR B 279 20.09 -15.91 -24.83
N GLU B 280 21.36 -16.31 -24.73
CA GLU B 280 21.77 -17.16 -23.64
C GLU B 280 21.80 -16.40 -22.31
N CYS B 281 22.20 -15.13 -22.33
CA CYS B 281 22.04 -14.29 -21.16
C CYS B 281 20.59 -14.12 -20.75
N TRP B 282 19.66 -14.26 -21.70
CA TRP B 282 18.24 -14.03 -21.47
C TRP B 282 17.49 -15.32 -21.14
N ASN B 283 18.09 -16.22 -20.37
CA ASN B 283 17.43 -17.48 -20.05
C ASN B 283 16.53 -17.26 -18.84
N ASN B 284 15.28 -17.76 -18.92
CA ASN B 284 14.33 -17.60 -17.82
C ASN B 284 14.83 -18.23 -16.54
N ASN B 285 15.65 -19.27 -16.63
CA ASN B 285 16.18 -19.92 -15.45
C ASN B 285 17.53 -19.31 -15.11
N VAL B 286 17.63 -18.69 -13.94
CA VAL B 286 18.84 -17.95 -13.57
C VAL B 286 20.08 -18.85 -13.61
N ASN B 287 19.91 -20.14 -13.41
CA ASN B 287 21.07 -21.02 -13.33
C ASN B 287 21.63 -21.40 -14.70
N GLN B 288 20.91 -21.14 -15.78
CA GLN B 288 21.40 -21.36 -17.13
C GLN B 288 21.80 -20.08 -17.84
N ARG B 289 22.03 -19.01 -17.09
CA ARG B 289 22.68 -17.85 -17.67
C ARG B 289 24.17 -17.96 -17.45
N PRO B 290 24.99 -17.71 -18.46
CA PRO B 290 26.45 -17.83 -18.29
C PRO B 290 26.95 -16.86 -17.23
N SER B 291 28.16 -17.11 -16.75
CA SER B 291 28.80 -16.18 -15.83
C SER B 291 29.53 -15.10 -16.62
N PHE B 292 29.99 -14.07 -15.90
CA PHE B 292 30.74 -13.01 -16.57
C PHE B 292 32.10 -13.52 -17.00
N ARG B 293 32.67 -14.44 -16.25
CA ARG B 293 33.92 -15.07 -16.69
C ARG B 293 33.71 -15.82 -18.00
N ASP B 294 32.66 -16.63 -18.09
CA ASP B 294 32.39 -17.31 -19.35
C ASP B 294 32.19 -16.31 -20.47
N LEU B 295 31.51 -15.21 -20.18
CA LEU B 295 31.20 -14.26 -21.24
C LEU B 295 32.46 -13.59 -21.75
N ALA B 296 33.36 -13.25 -20.83
CA ALA B 296 34.63 -12.66 -21.21
C ALA B 296 35.43 -13.61 -22.09
N LEU B 297 35.52 -14.88 -21.70
CA LEU B 297 36.28 -15.84 -22.50
C LEU B 297 35.64 -16.04 -23.87
N ARG B 298 34.31 -16.07 -23.92
CA ARG B 298 33.64 -16.28 -25.20
C ARG B 298 33.85 -15.07 -26.12
N VAL B 299 33.65 -13.86 -25.60
CA VAL B 299 33.86 -12.65 -26.37
C VAL B 299 35.30 -12.58 -26.86
N ASP B 300 36.26 -12.95 -26.00
CA ASP B 300 37.67 -12.89 -26.39
C ASP B 300 37.98 -13.93 -27.46
N GLN B 301 37.38 -15.12 -27.35
CA GLN B 301 37.57 -16.13 -28.39
C GLN B 301 37.01 -15.65 -29.72
N ILE B 302 35.86 -14.97 -29.69
CA ILE B 302 35.29 -14.50 -30.96
C ILE B 302 36.15 -13.39 -31.54
N ARG B 303 36.64 -12.48 -30.69
CA ARG B 303 37.58 -11.48 -31.18
C ARG B 303 38.77 -12.14 -31.83
N ASP B 304 39.35 -13.15 -31.18
CA ASP B 304 40.52 -13.81 -31.74
C ASP B 304 40.22 -14.44 -33.08
N ASN B 305 39.05 -15.07 -33.22
CA ASN B 305 38.68 -15.63 -34.53
C ASN B 305 38.56 -14.53 -35.59
N MET B 306 37.94 -13.40 -35.24
CA MET B 306 37.81 -12.32 -36.22
C MET B 306 39.16 -11.73 -36.60
N ALA B 307 40.12 -11.70 -35.67
CA ALA B 307 41.39 -11.04 -35.92
C ALA B 307 42.43 -11.97 -36.52
N GLY B 308 42.29 -13.29 -36.32
CA GLY B 308 43.14 -14.28 -36.97
C GLY B 308 42.53 -14.84 -38.24
N GLN C 19 -41.90 -29.13 29.65
CA GLN C 19 -42.01 -28.60 31.01
C GLN C 19 -43.32 -27.81 31.22
N PHE C 20 -43.74 -27.06 30.20
CA PHE C 20 -44.96 -26.30 30.26
C PHE C 20 -46.13 -27.17 29.80
N GLU C 21 -47.18 -27.23 30.61
CA GLU C 21 -48.37 -28.00 30.28
C GLU C 21 -49.37 -27.12 29.56
N GLU C 22 -49.83 -27.59 28.40
CA GLU C 22 -50.70 -26.79 27.53
C GLU C 22 -51.95 -26.30 28.26
N ARG C 23 -52.44 -27.09 29.23
CA ARG C 23 -53.71 -26.74 29.87
C ARG C 23 -53.59 -25.46 30.70
N HIS C 24 -52.37 -25.00 30.98
CA HIS C 24 -52.14 -23.78 31.75
C HIS C 24 -51.68 -22.61 30.90
N LEU C 25 -51.59 -22.78 29.58
CA LEU C 25 -51.27 -21.67 28.68
C LEU C 25 -52.58 -21.00 28.29
N LYS C 26 -52.82 -19.80 28.81
CA LYS C 26 -54.01 -19.02 28.47
C LYS C 26 -53.68 -18.11 27.29
N PHE C 27 -54.34 -18.32 26.15
CA PHE C 27 -54.14 -17.44 25.00
C PHE C 27 -54.58 -16.02 25.32
N LEU C 28 -53.71 -15.06 25.03
CA LEU C 28 -54.10 -13.65 25.12
C LEU C 28 -54.23 -12.99 23.77
N GLN C 29 -53.18 -13.01 22.95
CA GLN C 29 -53.38 -12.52 21.58
C GLN C 29 -52.33 -13.12 20.66
N GLN C 30 -52.44 -12.78 19.38
CA GLN C 30 -51.40 -13.11 18.43
C GLN C 30 -50.36 -12.00 18.38
N LEU C 31 -49.10 -12.39 18.27
CA LEU C 31 -47.98 -11.46 18.28
C LEU C 31 -47.32 -11.33 16.92
N GLY C 32 -47.20 -12.42 16.18
CA GLY C 32 -46.53 -12.39 14.89
C GLY C 32 -46.72 -13.70 14.14
N LYS C 33 -46.73 -13.59 12.82
CA LYS C 33 -46.80 -14.73 11.94
C LYS C 33 -45.50 -14.79 11.16
N GLY C 34 -44.81 -15.91 11.26
CA GLY C 34 -43.57 -16.00 10.53
C GLY C 34 -43.59 -16.98 9.38
N ASN C 35 -42.53 -17.76 9.28
CA ASN C 35 -42.35 -18.72 8.20
C ASN C 35 -42.98 -20.03 8.65
N PHE C 36 -44.22 -20.28 8.24
CA PHE C 36 -44.96 -21.47 8.65
C PHE C 36 -45.11 -21.56 10.17
N GLY C 37 -44.88 -20.46 10.88
CA GLY C 37 -45.07 -20.43 12.31
C GLY C 37 -45.81 -19.17 12.73
N SER C 38 -46.34 -19.22 13.94
CA SER C 38 -46.83 -18.00 14.56
C SER C 38 -46.39 -17.97 16.02
N VAL C 39 -46.42 -16.77 16.60
CA VAL C 39 -46.13 -16.55 18.00
C VAL C 39 -47.37 -15.92 18.64
N GLU C 40 -47.78 -16.44 19.79
CA GLU C 40 -48.91 -15.94 20.56
C GLU C 40 -48.45 -15.48 21.93
N MET C 41 -49.06 -14.39 22.39
CA MET C 41 -48.94 -13.93 23.76
C MET C 41 -49.90 -14.76 24.61
N CYS C 42 -49.36 -15.49 25.60
CA CYS C 42 -50.14 -16.30 26.51
C CYS C 42 -49.69 -16.02 27.95
N ARG C 43 -50.53 -16.40 28.90
CA ARG C 43 -50.18 -16.37 30.32
C ARG C 43 -49.97 -17.81 30.76
N TYR C 44 -48.83 -18.09 31.39
CA TYR C 44 -48.58 -19.40 31.98
C TYR C 44 -48.92 -19.32 33.46
N ASP C 45 -50.03 -19.94 33.81
CA ASP C 45 -50.71 -19.76 35.09
C ASP C 45 -51.03 -21.13 35.69
N PRO C 46 -50.01 -21.94 36.00
CA PRO C 46 -50.30 -23.28 36.51
C PRO C 46 -51.05 -23.28 37.82
N LEU C 47 -50.93 -22.23 38.63
CA LEU C 47 -51.69 -22.15 39.87
C LEU C 47 -53.12 -21.67 39.64
N GLN C 48 -53.46 -21.23 38.42
CA GLN C 48 -54.83 -20.87 38.07
C GLN C 48 -55.37 -19.75 38.96
N ASP C 49 -54.48 -18.86 39.39
CA ASP C 49 -54.84 -17.69 40.21
C ASP C 49 -54.42 -16.39 39.55
N ASN C 50 -54.13 -16.41 38.25
CA ASN C 50 -53.71 -15.21 37.53
C ASN C 50 -52.51 -14.54 38.21
N THR C 51 -51.57 -15.37 38.65
CA THR C 51 -50.26 -14.92 39.11
C THR C 51 -49.13 -15.42 38.22
N GLY C 52 -49.44 -16.23 37.23
CA GLY C 52 -48.41 -16.71 36.34
C GLY C 52 -47.95 -15.63 35.41
N GLU C 53 -46.86 -15.93 34.72
CA GLU C 53 -46.18 -14.91 33.94
C GLU C 53 -46.63 -14.95 32.48
N VAL C 54 -46.58 -13.80 31.82
CA VAL C 54 -46.86 -13.72 30.39
C VAL C 54 -45.65 -14.21 29.61
N VAL C 55 -45.86 -15.14 28.68
CA VAL C 55 -44.79 -15.72 27.88
C VAL C 55 -45.19 -15.67 26.41
N ALA C 56 -44.22 -15.94 25.55
CA ALA C 56 -44.43 -15.98 24.11
C ALA C 56 -44.35 -17.43 23.64
N VAL C 57 -45.34 -17.86 22.86
CA VAL C 57 -45.46 -19.26 22.48
C VAL C 57 -45.44 -19.36 20.96
N LYS C 58 -44.44 -20.04 20.42
CA LYS C 58 -44.34 -20.26 18.99
C LYS C 58 -44.87 -21.64 18.63
N LYS C 59 -45.65 -21.68 17.55
CA LYS C 59 -46.25 -22.91 17.06
C LYS C 59 -46.19 -22.95 15.54
N LEU C 60 -46.36 -24.14 14.98
CA LEU C 60 -46.48 -24.26 13.54
C LEU C 60 -47.90 -23.95 13.08
N GLN C 61 -48.00 -23.32 11.92
CA GLN C 61 -49.30 -23.05 11.32
C GLN C 61 -49.88 -24.27 10.66
N HIS C 62 -49.05 -25.15 10.11
CA HIS C 62 -49.54 -26.42 9.56
C HIS C 62 -48.47 -27.47 9.81
N SER C 63 -48.75 -28.35 10.77
CA SER C 63 -47.76 -29.28 11.31
C SER C 63 -47.48 -30.43 10.33
N THR C 64 -46.67 -30.14 9.32
CA THR C 64 -46.11 -31.21 8.50
C THR C 64 -44.84 -31.76 9.17
N GLU C 65 -44.38 -32.92 8.68
CA GLU C 65 -43.25 -33.57 9.33
C GLU C 65 -41.95 -32.87 9.01
N GLU C 66 -41.80 -32.39 7.78
CA GLU C 66 -40.67 -31.54 7.42
C GLU C 66 -40.59 -30.32 8.34
N HIS C 67 -41.69 -29.56 8.42
CA HIS C 67 -41.72 -28.38 9.27
C HIS C 67 -41.52 -28.74 10.74
N LEU C 68 -41.97 -29.93 11.15
CA LEU C 68 -41.79 -30.34 12.53
C LEU C 68 -40.32 -30.61 12.86
N ARG C 69 -39.59 -31.26 11.95
CA ARG C 69 -38.17 -31.47 12.21
C ARG C 69 -37.38 -30.17 12.12
N ASP C 70 -37.77 -29.28 11.20
CA ASP C 70 -37.21 -27.93 11.19
C ASP C 70 -37.43 -27.23 12.53
N PHE C 71 -38.66 -27.30 13.07
CA PHE C 71 -38.98 -26.65 14.34
C PHE C 71 -38.15 -27.23 15.48
N GLU C 72 -37.95 -28.55 15.49
CA GLU C 72 -37.15 -29.14 16.56
C GLU C 72 -35.70 -28.70 16.46
N ARG C 73 -35.18 -28.58 15.25
CA ARG C 73 -33.83 -28.02 15.10
C ARG C 73 -33.78 -26.59 15.58
N GLU C 74 -34.77 -25.79 15.20
CA GLU C 74 -34.86 -24.39 15.64
C GLU C 74 -34.87 -24.29 17.15
N ILE C 75 -35.66 -25.14 17.81
CA ILE C 75 -35.69 -25.11 19.27
C ILE C 75 -34.32 -25.47 19.85
N GLU C 76 -33.65 -26.47 19.27
CA GLU C 76 -32.33 -26.83 19.79
C GLU C 76 -31.36 -25.69 19.63
N ILE C 77 -31.43 -25.00 18.49
CA ILE C 77 -30.59 -23.82 18.25
C ILE C 77 -30.85 -22.76 19.32
N LEU C 78 -32.10 -22.32 19.47
CA LEU C 78 -32.36 -21.24 20.42
C LEU C 78 -31.94 -21.65 21.83
N LYS C 79 -32.21 -22.91 22.20
CA LYS C 79 -31.86 -23.40 23.54
C LYS C 79 -30.37 -23.33 23.76
N SER C 80 -29.58 -23.47 22.70
CA SER C 80 -28.14 -23.41 22.89
C SER C 80 -27.62 -21.98 23.02
N LEU C 81 -28.45 -20.96 22.82
CA LEU C 81 -27.98 -19.58 22.80
C LEU C 81 -28.29 -18.87 24.11
N GLN C 82 -27.27 -18.27 24.73
CA GLN C 82 -27.41 -17.43 25.92
C GLN C 82 -26.61 -16.15 25.66
N HIS C 83 -27.33 -15.07 25.38
CA HIS C 83 -26.75 -13.78 25.04
C HIS C 83 -27.75 -12.70 25.39
N ASP C 84 -27.25 -11.54 25.84
CA ASP C 84 -28.16 -10.48 26.23
C ASP C 84 -29.04 -10.05 25.07
N ASN C 85 -28.54 -10.18 23.84
CA ASN C 85 -29.26 -9.68 22.67
C ASN C 85 -29.85 -10.81 21.83
N ILE C 86 -30.10 -11.96 22.45
CA ILE C 86 -30.85 -13.06 21.88
C ILE C 86 -32.02 -13.38 22.80
N VAL C 87 -33.21 -13.50 22.22
CA VAL C 87 -34.43 -13.76 22.98
C VAL C 87 -34.30 -15.07 23.76
N LYS C 88 -34.78 -15.09 25.01
CA LYS C 88 -34.51 -16.21 25.90
C LYS C 88 -35.46 -17.38 25.64
N TYR C 89 -34.89 -18.55 25.44
CA TYR C 89 -35.63 -19.81 25.53
C TYR C 89 -36.09 -20.04 26.96
N LYS C 90 -37.33 -20.50 27.14
CA LYS C 90 -37.83 -20.86 28.45
C LYS C 90 -38.22 -22.32 28.59
N GLY C 91 -38.59 -22.98 27.50
CA GLY C 91 -39.04 -24.35 27.58
C GLY C 91 -39.85 -24.75 26.36
N VAL C 92 -40.42 -25.94 26.44
CA VAL C 92 -41.21 -26.51 25.35
C VAL C 92 -42.50 -27.04 25.94
N CYS C 93 -43.49 -27.24 25.07
CA CYS C 93 -44.77 -27.76 25.49
C CYS C 93 -45.36 -28.60 24.38
N TYR C 94 -46.06 -29.66 24.74
CA TYR C 94 -46.74 -30.47 23.75
C TYR C 94 -47.84 -31.26 24.41
N SER C 95 -48.87 -31.55 23.62
CA SER C 95 -49.78 -32.61 24.01
C SER C 95 -49.14 -33.96 23.72
N ALA C 96 -49.80 -35.00 24.23
CA ALA C 96 -49.41 -36.38 23.98
C ALA C 96 -49.40 -36.66 22.49
N GLY C 97 -48.28 -37.18 22.02
CA GLY C 97 -48.04 -37.25 20.59
C GLY C 97 -47.15 -36.12 20.10
N ARG C 98 -46.64 -36.31 18.89
CA ARG C 98 -45.69 -35.35 18.32
C ARG C 98 -46.36 -34.02 18.00
N ARG C 99 -47.55 -34.07 17.42
CA ARG C 99 -48.27 -32.84 17.10
C ARG C 99 -48.49 -31.99 18.35
N ASN C 100 -48.82 -30.73 18.08
CA ASN C 100 -49.11 -29.67 19.05
C ASN C 100 -47.85 -29.20 19.78
N LEU C 101 -46.68 -29.35 19.15
CA LEU C 101 -45.43 -28.91 19.76
C LEU C 101 -45.29 -27.38 19.71
N LYS C 102 -44.82 -26.82 20.84
CA LYS C 102 -44.78 -25.38 21.02
C LYS C 102 -43.46 -25.00 21.73
N LEU C 103 -42.87 -23.89 21.28
CA LEU C 103 -41.65 -23.36 21.88
C LEU C 103 -42.00 -22.18 22.78
N ILE C 104 -41.57 -22.23 24.04
CA ILE C 104 -41.87 -21.18 25.02
C ILE C 104 -40.67 -20.23 25.14
N MET C 105 -40.95 -18.93 25.10
CA MET C 105 -39.91 -17.91 25.10
C MET C 105 -40.33 -16.77 26.02
N GLU C 106 -39.34 -15.95 26.42
CA GLU C 106 -39.70 -14.74 27.15
C GLU C 106 -40.54 -13.85 26.25
N TYR C 107 -41.53 -13.20 26.87
CA TYR C 107 -42.33 -12.19 26.19
C TYR C 107 -41.62 -10.85 26.31
N LEU C 108 -41.46 -10.17 25.18
CA LEU C 108 -40.80 -8.88 25.15
C LEU C 108 -41.83 -7.80 24.86
N PRO C 109 -42.07 -6.87 25.78
CA PRO C 109 -43.32 -6.09 25.75
C PRO C 109 -43.39 -5.00 24.68
N TYR C 110 -42.28 -4.65 24.04
CA TYR C 110 -42.30 -3.52 23.10
C TYR C 110 -42.42 -3.95 21.65
N GLY C 111 -42.65 -5.25 21.39
CA GLY C 111 -42.84 -5.72 20.03
C GLY C 111 -41.58 -5.71 19.19
N SER C 112 -41.78 -5.77 17.87
CA SER C 112 -40.65 -5.82 16.95
C SER C 112 -40.04 -4.45 16.78
N LEU C 113 -38.73 -4.44 16.55
CA LEU C 113 -38.03 -3.20 16.30
C LEU C 113 -38.65 -2.41 15.15
N ARG C 114 -39.07 -3.09 14.09
CA ARG C 114 -39.73 -2.40 12.99
C ARG C 114 -40.88 -1.54 13.49
N ASP C 115 -41.85 -2.18 14.16
CA ASP C 115 -43.03 -1.47 14.62
C ASP C 115 -42.67 -0.44 15.67
N TYR C 116 -41.75 -0.78 16.58
CA TYR C 116 -41.42 0.14 17.66
C TYR C 116 -40.77 1.40 17.13
N LEU C 117 -39.87 1.25 16.17
CA LEU C 117 -39.23 2.41 15.58
C LEU C 117 -40.23 3.24 14.80
N GLN C 118 -41.15 2.58 14.10
CA GLN C 118 -42.21 3.30 13.40
C GLN C 118 -43.06 4.12 14.37
N LYS C 119 -43.37 3.58 15.56
CA LYS C 119 -44.17 4.32 16.52
C LYS C 119 -43.44 5.51 17.11
N HIS C 120 -42.13 5.48 17.22
CA HIS C 120 -41.47 6.44 18.09
C HIS C 120 -40.34 7.16 17.36
N LYS C 121 -40.55 7.43 16.07
CA LYS C 121 -39.48 7.98 15.25
C LYS C 121 -39.02 9.33 15.79
N GLU C 122 -39.95 10.15 16.26
CA GLU C 122 -39.62 11.47 16.79
C GLU C 122 -38.88 11.43 18.11
N ARG C 123 -38.85 10.30 18.83
CA ARG C 123 -38.12 10.23 20.09
C ARG C 123 -36.91 9.32 20.05
N ILE C 124 -36.56 8.74 18.89
CA ILE C 124 -35.41 7.86 18.77
C ILE C 124 -34.40 8.55 17.86
N ASP C 125 -33.34 9.10 18.45
CA ASP C 125 -32.32 9.80 17.67
C ASP C 125 -31.28 8.81 17.13
N HIS C 126 -30.32 9.34 16.38
CA HIS C 126 -29.32 8.51 15.72
C HIS C 126 -28.49 7.72 16.72
N ILE C 127 -28.18 8.31 17.87
CA ILE C 127 -27.34 7.63 18.84
C ILE C 127 -28.06 6.37 19.35
N LYS C 128 -29.36 6.48 19.59
CA LYS C 128 -30.14 5.32 20.01
C LYS C 128 -30.18 4.27 18.91
N LEU C 129 -30.26 4.72 17.66
CA LEU C 129 -30.19 3.77 16.55
C LEU C 129 -28.88 3.02 16.58
N LEU C 130 -27.78 3.72 16.88
CA LEU C 130 -26.48 3.07 16.88
C LEU C 130 -26.31 2.17 18.10
N GLN C 131 -27.01 2.47 19.19
CA GLN C 131 -27.06 1.52 20.31
C GLN C 131 -27.70 0.19 19.88
N TYR C 132 -28.87 0.27 19.24
CA TYR C 132 -29.51 -0.95 18.75
C TYR C 132 -28.59 -1.68 17.76
N THR C 133 -28.04 -0.94 16.79
CA THR C 133 -27.12 -1.50 15.81
C THR C 133 -26.00 -2.28 16.48
N SER C 134 -25.40 -1.69 17.50
CA SER C 134 -24.32 -2.36 18.20
C SER C 134 -24.81 -3.66 18.82
N GLN C 135 -25.98 -3.60 19.49
CA GLN C 135 -26.48 -4.79 20.16
C GLN C 135 -26.73 -5.91 19.16
N ILE C 136 -27.26 -5.55 17.99
CA ILE C 136 -27.52 -6.53 16.94
C ILE C 136 -26.21 -7.17 16.46
N CYS C 137 -25.20 -6.34 16.19
CA CYS C 137 -23.90 -6.85 15.81
C CYS C 137 -23.38 -7.85 16.84
N LYS C 138 -23.53 -7.53 18.12
CA LYS C 138 -23.01 -8.40 19.17
C LYS C 138 -23.76 -9.73 19.20
N GLY C 139 -25.08 -9.71 19.02
CA GLY C 139 -25.82 -10.96 18.95
C GLY C 139 -25.42 -11.79 17.73
N MET C 140 -25.22 -11.12 16.60
CA MET C 140 -24.84 -11.82 15.38
C MET C 140 -23.45 -12.42 15.50
N GLU C 141 -22.54 -11.70 16.17
CA GLU C 141 -21.20 -12.23 16.39
C GLU C 141 -21.27 -13.45 17.28
N TYR C 142 -22.08 -13.41 18.32
CA TYR C 142 -22.23 -14.62 19.13
C TYR C 142 -22.74 -15.78 18.27
N LEU C 143 -23.73 -15.53 17.39
CA LEU C 143 -24.20 -16.58 16.49
C LEU C 143 -23.05 -17.15 15.65
N GLY C 144 -22.21 -16.26 15.11
CA GLY C 144 -21.04 -16.70 14.36
C GLY C 144 -20.11 -17.62 15.14
N THR C 145 -19.84 -17.30 16.41
CA THR C 145 -18.98 -18.18 17.19
C THR C 145 -19.55 -19.59 17.31
N LYS C 146 -20.86 -19.74 17.15
CA LYS C 146 -21.48 -21.07 17.10
C LYS C 146 -21.65 -21.58 15.67
N ARG C 147 -21.13 -20.85 14.67
CA ARG C 147 -21.26 -21.21 13.26
C ARG C 147 -22.74 -21.31 12.84
N TYR C 148 -23.54 -20.44 13.43
CA TYR C 148 -24.95 -20.29 13.09
C TYR C 148 -25.10 -19.18 12.04
N ILE C 149 -25.82 -19.49 10.95
CA ILE C 149 -26.19 -18.50 9.94
C ILE C 149 -27.68 -18.18 10.09
N HIS C 150 -28.01 -16.91 10.37
CA HIS C 150 -29.39 -16.56 10.69
C HIS C 150 -30.32 -16.63 9.47
N ARG C 151 -29.89 -16.06 8.34
CA ARG C 151 -30.55 -16.07 7.04
C ARG C 151 -31.80 -15.18 6.95
N ASP C 152 -32.28 -14.63 8.05
CA ASP C 152 -33.50 -13.82 8.00
C ASP C 152 -33.37 -12.54 8.84
N LEU C 153 -32.21 -11.87 8.73
CA LEU C 153 -31.94 -10.65 9.50
C LEU C 153 -32.68 -9.48 8.87
N ALA C 154 -33.50 -8.78 9.68
CA ALA C 154 -34.43 -7.72 9.28
C ALA C 154 -34.98 -7.05 10.54
N THR C 155 -35.36 -5.77 10.44
CA THR C 155 -35.86 -5.13 11.66
C THR C 155 -37.14 -5.79 12.19
N ARG C 156 -37.93 -6.43 11.33
CA ARG C 156 -39.12 -7.12 11.81
C ARG C 156 -38.78 -8.35 12.65
N ASN C 157 -37.55 -8.83 12.62
CA ASN C 157 -37.15 -10.01 13.39
C ASN C 157 -36.26 -9.66 14.57
N ILE C 158 -36.19 -8.37 14.90
CA ILE C 158 -35.56 -7.86 16.12
C ILE C 158 -36.67 -7.39 17.04
N LEU C 159 -36.61 -7.80 18.31
CA LEU C 159 -37.61 -7.45 19.31
C LEU C 159 -37.03 -6.47 20.32
N VAL C 160 -37.91 -5.74 20.98
CA VAL C 160 -37.49 -4.66 21.88
C VAL C 160 -37.89 -5.03 23.30
N GLU C 161 -36.89 -5.29 24.15
CA GLU C 161 -37.18 -5.58 25.55
C GLU C 161 -37.50 -4.31 26.34
N ASN C 162 -36.83 -3.20 26.03
CA ASN C 162 -37.09 -1.88 26.62
C ASN C 162 -36.42 -0.87 25.70
N GLU C 163 -36.50 0.42 26.05
CA GLU C 163 -35.95 1.42 25.14
C GLU C 163 -34.44 1.35 25.03
N ASN C 164 -33.79 0.56 25.89
CA ASN C 164 -32.34 0.45 25.86
C ASN C 164 -31.84 -0.89 25.33
N ARG C 165 -32.71 -1.81 24.92
CA ARG C 165 -32.24 -3.16 24.62
C ARG C 165 -33.10 -3.85 23.56
N VAL C 166 -32.45 -4.34 22.51
CA VAL C 166 -33.11 -5.16 21.51
C VAL C 166 -32.49 -6.55 21.51
N LYS C 167 -33.24 -7.50 20.96
CA LYS C 167 -32.83 -8.89 20.92
C LYS C 167 -33.25 -9.52 19.59
N ILE C 168 -32.33 -10.26 18.96
CA ILE C 168 -32.71 -11.06 17.81
C ILE C 168 -33.83 -12.00 18.23
N GLY C 169 -34.92 -11.97 17.47
CA GLY C 169 -36.16 -12.50 18.03
C GLY C 169 -36.63 -13.82 17.46
N ASP C 170 -36.19 -14.15 16.25
CA ASP C 170 -36.70 -15.32 15.57
C ASP C 170 -35.57 -16.06 14.89
N PHE C 171 -35.70 -17.40 14.83
CA PHE C 171 -34.59 -18.23 14.34
C PHE C 171 -35.08 -19.34 13.43
N GLY C 172 -36.32 -19.23 12.91
CA GLY C 172 -36.89 -20.26 12.05
C GLY C 172 -36.07 -20.66 10.84
N LEU C 173 -35.26 -19.75 10.27
CA LEU C 173 -34.44 -20.03 9.11
C LEU C 173 -32.97 -20.23 9.46
N THR C 174 -32.59 -20.23 10.73
CA THR C 174 -31.18 -20.34 11.08
C THR C 174 -30.66 -21.72 10.72
N LYS C 175 -29.42 -21.78 10.24
CA LYS C 175 -28.78 -23.04 9.89
C LYS C 175 -27.39 -23.13 10.50
N VAL C 176 -26.99 -24.35 10.76
CA VAL C 176 -25.66 -24.66 11.26
C VAL C 176 -24.77 -24.93 10.06
N LEU C 177 -23.61 -24.30 10.03
CA LEU C 177 -22.67 -24.55 8.95
C LEU C 177 -22.19 -25.99 8.99
N PRO C 178 -22.00 -26.63 7.84
CA PRO C 178 -21.21 -27.87 7.82
C PRO C 178 -19.82 -27.59 8.40
N GLN C 179 -19.25 -28.61 9.07
CA GLN C 179 -17.84 -28.52 9.44
C GLN C 179 -17.00 -28.22 8.22
N ASP C 180 -17.38 -28.80 7.10
CA ASP C 180 -16.54 -28.87 5.92
C ASP C 180 -16.36 -27.54 5.22
N LYS C 181 -17.28 -26.60 5.40
CA LYS C 181 -17.38 -25.45 4.51
C LYS C 181 -17.87 -24.23 5.29
N GLU C 182 -17.78 -23.07 4.65
CA GLU C 182 -18.13 -21.82 5.31
C GLU C 182 -19.47 -21.27 4.82
N PTR C 183 -20.27 -22.11 4.17
CA PTR C 183 -21.57 -21.64 3.70
C PTR C 183 -22.52 -22.82 3.72
O PTR C 183 -22.10 -23.95 3.96
CB PTR C 183 -21.46 -21.01 2.32
CG PTR C 183 -21.13 -22.03 1.27
CD1 PTR C 183 -22.13 -22.79 0.70
CD2 PTR C 183 -19.83 -22.26 0.89
CE1 PTR C 183 -21.85 -23.74 -0.24
CE2 PTR C 183 -19.52 -23.22 -0.07
CZ PTR C 183 -20.54 -23.95 -0.62
OH PTR C 183 -20.37 -24.89 -1.50
P PTR C 183 -19.25 -24.91 -2.63
O1P PTR C 183 -19.73 -26.02 -3.59
O2P PTR C 183 -19.17 -23.53 -3.35
O3P PTR C 183 -17.94 -25.23 -2.01
N TYR C 184 -23.79 -22.55 3.48
CA TYR C 184 -24.84 -23.55 3.51
C TYR C 184 -25.75 -23.29 2.33
N LYS C 185 -25.96 -24.30 1.49
CA LYS C 185 -26.77 -24.19 0.29
C LYS C 185 -28.17 -24.69 0.58
N VAL C 186 -29.14 -23.81 0.50
CA VAL C 186 -30.53 -24.21 0.72
C VAL C 186 -31.43 -23.27 -0.07
N LYS C 187 -32.44 -23.85 -0.70
CA LYS C 187 -33.46 -23.10 -1.43
C LYS C 187 -34.81 -23.60 -0.95
N GLU C 188 -35.54 -22.72 -0.22
CA GLU C 188 -36.84 -22.91 0.39
C GLU C 188 -37.94 -22.79 -0.65
N PRO C 189 -39.01 -23.56 -0.47
CA PRO C 189 -40.27 -23.29 -1.16
C PRO C 189 -41.06 -22.24 -0.40
N GLY C 190 -41.67 -21.34 -1.15
CA GLY C 190 -42.41 -20.24 -0.59
C GLY C 190 -41.67 -18.93 -0.79
N GLU C 191 -42.17 -17.89 -0.12
CA GLU C 191 -41.55 -16.58 -0.20
C GLU C 191 -40.18 -16.59 0.49
N SER C 192 -39.25 -15.83 -0.10
CA SER C 192 -37.96 -15.55 0.50
C SER C 192 -37.78 -14.04 0.59
N PRO C 193 -37.16 -13.53 1.66
CA PRO C 193 -36.96 -12.07 1.77
C PRO C 193 -35.87 -11.57 0.81
N ILE C 194 -36.16 -11.61 -0.49
CA ILE C 194 -35.14 -11.38 -1.50
C ILE C 194 -34.53 -9.99 -1.37
N PHE C 195 -35.30 -9.03 -0.91
CA PHE C 195 -34.76 -7.68 -0.83
C PHE C 195 -33.78 -7.51 0.32
N TRP C 196 -33.64 -8.52 1.20
CA TRP C 196 -32.57 -8.57 2.19
C TRP C 196 -31.42 -9.52 1.79
N TYR C 197 -31.51 -10.21 0.66
CA TYR C 197 -30.59 -11.28 0.29
C TYR C 197 -29.30 -10.79 -0.35
N ALA C 198 -28.18 -11.40 0.05
CA ALA C 198 -26.93 -11.19 -0.67
C ALA C 198 -27.04 -11.78 -2.08
N PRO C 199 -26.30 -11.22 -3.05
CA PRO C 199 -26.43 -11.71 -4.43
C PRO C 199 -26.12 -13.18 -4.59
N GLU C 200 -25.05 -13.68 -3.94
CA GLU C 200 -24.76 -15.10 -3.97
C GLU C 200 -25.91 -15.92 -3.40
N SER C 201 -26.66 -15.37 -2.45
CA SER C 201 -27.87 -16.06 -1.98
C SER C 201 -28.94 -16.13 -3.07
N LEU C 202 -29.07 -15.07 -3.87
CA LEU C 202 -30.07 -15.08 -4.95
C LEU C 202 -29.65 -16.01 -6.08
N THR C 203 -28.36 -16.07 -6.39
CA THR C 203 -27.91 -16.81 -7.56
C THR C 203 -27.63 -18.27 -7.26
N GLU C 204 -27.04 -18.57 -6.10
CA GLU C 204 -26.55 -19.91 -5.81
C GLU C 204 -27.14 -20.48 -4.53
N SER C 205 -28.05 -19.76 -3.88
CA SER C 205 -28.65 -20.21 -2.61
C SER C 205 -27.57 -20.42 -1.55
N LYS C 206 -26.49 -19.64 -1.60
CA LYS C 206 -25.37 -19.79 -0.68
C LYS C 206 -25.58 -18.84 0.48
N PHE C 207 -25.55 -19.39 1.70
CA PHE C 207 -25.74 -18.58 2.90
C PHE C 207 -24.55 -18.74 3.83
N SER C 208 -23.98 -17.61 4.24
CA SER C 208 -22.78 -17.58 5.06
C SER C 208 -22.90 -16.46 6.09
N VAL C 209 -21.87 -16.37 6.94
CA VAL C 209 -21.73 -15.20 7.79
C VAL C 209 -21.72 -13.93 6.95
N ALA C 210 -21.05 -13.97 5.80
CA ALA C 210 -20.98 -12.79 4.95
C ALA C 210 -22.35 -12.40 4.40
N SER C 211 -23.24 -13.37 4.18
CA SER C 211 -24.56 -12.96 3.69
C SER C 211 -25.42 -12.40 4.82
N ASP C 212 -25.24 -12.92 6.03
CA ASP C 212 -25.76 -12.24 7.20
C ASP C 212 -25.25 -10.80 7.29
N VAL C 213 -23.98 -10.57 6.94
CA VAL C 213 -23.45 -9.21 6.98
C VAL C 213 -24.15 -8.32 5.94
N TRP C 214 -24.37 -8.86 4.74
CA TRP C 214 -25.17 -8.14 3.74
C TRP C 214 -26.55 -7.75 4.30
N SER C 215 -27.22 -8.71 4.92
CA SER C 215 -28.55 -8.46 5.45
C SER C 215 -28.51 -7.46 6.59
N PHE C 216 -27.45 -7.50 7.41
CA PHE C 216 -27.30 -6.49 8.45
C PHE C 216 -27.15 -5.12 7.82
N GLY C 217 -26.46 -5.06 6.68
CA GLY C 217 -26.41 -3.81 5.95
C GLY C 217 -27.80 -3.29 5.65
N VAL C 218 -28.68 -4.18 5.20
CA VAL C 218 -30.07 -3.78 4.95
C VAL C 218 -30.77 -3.36 6.26
N VAL C 219 -30.50 -4.08 7.35
CA VAL C 219 -31.08 -3.73 8.65
C VAL C 219 -30.71 -2.30 9.02
N LEU C 220 -29.46 -1.94 8.81
CA LEU C 220 -28.98 -0.62 9.15
C LEU C 220 -29.66 0.44 8.29
N TYR C 221 -29.75 0.17 6.98
CA TYR C 221 -30.55 1.02 6.12
C TYR C 221 -31.97 1.19 6.68
N GLU C 222 -32.60 0.07 7.08
CA GLU C 222 -33.96 0.09 7.59
C GLU C 222 -34.08 1.04 8.76
N LEU C 223 -33.20 0.86 9.76
CA LEU C 223 -33.25 1.69 10.95
C LEU C 223 -33.17 3.16 10.57
N PHE C 224 -32.21 3.52 9.71
CA PHE C 224 -32.03 4.95 9.44
C PHE C 224 -33.10 5.51 8.51
N THR C 225 -33.89 4.66 7.83
CA THR C 225 -35.10 5.17 7.19
C THR C 225 -36.24 5.42 8.17
N TYR C 226 -36.12 5.00 9.44
CA TYR C 226 -37.21 5.07 10.43
C TYR C 226 -38.48 4.39 9.94
N ILE C 227 -38.30 3.38 9.09
CA ILE C 227 -39.40 2.56 8.59
C ILE C 227 -40.41 3.47 7.91
N GLU C 228 -39.93 4.50 7.24
CA GLU C 228 -40.81 5.19 6.31
C GLU C 228 -41.25 4.22 5.22
N LYS C 229 -42.54 4.30 4.88
CA LYS C 229 -43.20 3.25 4.11
C LYS C 229 -42.62 3.14 2.70
N SER C 230 -42.53 4.28 2.01
CA SER C 230 -42.04 4.36 0.64
C SER C 230 -40.55 4.09 0.54
N LYS C 231 -39.82 4.14 1.65
CA LYS C 231 -38.37 3.98 1.66
C LYS C 231 -37.95 2.55 1.95
N SER C 232 -38.90 1.61 1.97
CA SER C 232 -38.57 0.23 2.34
C SER C 232 -37.69 -0.40 1.26
N PRO C 233 -36.87 -1.38 1.62
CA PRO C 233 -36.04 -2.04 0.61
C PRO C 233 -36.89 -2.61 -0.52
N PRO C 234 -38.08 -3.17 -0.25
CA PRO C 234 -38.90 -3.61 -1.39
C PRO C 234 -39.37 -2.46 -2.28
N ALA C 235 -39.82 -1.34 -1.70
CA ALA C 235 -40.32 -0.25 -2.53
C ALA C 235 -39.18 0.39 -3.33
N GLU C 236 -38.05 0.64 -2.66
CA GLU C 236 -36.87 1.16 -3.36
C GLU C 236 -36.44 0.25 -4.50
N PHE C 237 -36.24 -1.04 -4.23
CA PHE C 237 -35.76 -1.92 -5.28
C PHE C 237 -36.79 -2.07 -6.40
N MET C 238 -38.09 -2.14 -6.06
CA MET C 238 -39.11 -2.28 -7.09
C MET C 238 -39.22 -1.03 -7.95
N ARG C 239 -38.98 0.14 -7.37
CA ARG C 239 -38.86 1.30 -8.22
C ARG C 239 -37.58 1.29 -9.05
N MET C 240 -36.50 0.71 -8.54
CA MET C 240 -35.27 0.73 -9.32
C MET C 240 -35.37 -0.22 -10.51
N ILE C 241 -35.90 -1.42 -10.32
CA ILE C 241 -35.99 -2.37 -11.43
C ILE C 241 -37.20 -2.12 -12.31
N GLY C 242 -38.16 -1.31 -11.85
CA GLY C 242 -39.38 -1.09 -12.58
C GLY C 242 -40.55 -1.87 -11.99
N ASN C 243 -41.62 -1.16 -11.61
CA ASN C 243 -42.82 -1.82 -11.11
C ASN C 243 -43.54 -2.63 -12.18
N ASP C 244 -43.17 -2.47 -13.46
CA ASP C 244 -43.67 -3.35 -14.50
C ASP C 244 -43.34 -4.82 -14.25
N LYS C 245 -42.44 -5.12 -13.31
CA LYS C 245 -41.95 -6.49 -13.15
C LYS C 245 -42.92 -7.33 -12.34
N GLN C 246 -43.04 -8.59 -12.76
CA GLN C 246 -43.99 -9.51 -12.14
C GLN C 246 -43.30 -10.84 -11.93
N GLY C 247 -43.53 -11.44 -10.76
CA GLY C 247 -43.04 -12.79 -10.52
C GLY C 247 -41.53 -12.90 -10.65
N GLN C 248 -41.09 -14.05 -11.16
CA GLN C 248 -39.67 -14.38 -11.17
C GLN C 248 -38.84 -13.32 -11.87
N MET C 249 -39.44 -12.56 -12.79
CA MET C 249 -38.70 -11.51 -13.47
C MET C 249 -38.09 -10.53 -12.48
N ILE C 250 -38.86 -10.13 -11.46
CA ILE C 250 -38.37 -9.38 -10.31
C ILE C 250 -37.01 -9.90 -9.90
N VAL C 251 -36.95 -11.17 -9.46
CA VAL C 251 -35.70 -11.74 -8.98
C VAL C 251 -34.59 -11.53 -10.00
N PHE C 252 -34.87 -11.92 -11.25
CA PHE C 252 -33.86 -11.80 -12.30
C PHE C 252 -33.32 -10.38 -12.38
N HIS C 253 -34.22 -9.41 -12.48
CA HIS C 253 -33.78 -8.03 -12.59
C HIS C 253 -33.03 -7.59 -11.36
N LEU C 254 -33.51 -8.00 -10.17
CA LEU C 254 -32.79 -7.68 -8.94
C LEU C 254 -31.35 -8.15 -9.04
N ILE C 255 -31.14 -9.40 -9.48
CA ILE C 255 -29.78 -9.92 -9.62
C ILE C 255 -28.96 -9.00 -10.49
N GLU C 256 -29.46 -8.69 -11.69
CA GLU C 256 -28.71 -7.84 -12.60
C GLU C 256 -28.45 -6.49 -11.95
N LEU C 257 -29.47 -5.95 -11.27
CA LEU C 257 -29.32 -4.65 -10.63
C LEU C 257 -28.22 -4.69 -9.59
N LEU C 258 -28.16 -5.78 -8.80
CA LEU C 258 -27.10 -5.89 -7.80
C LEU C 258 -25.76 -6.16 -8.45
N LYS C 259 -25.76 -6.84 -9.61
CA LYS C 259 -24.52 -7.17 -10.30
C LYS C 259 -23.81 -5.91 -10.79
N ASN C 260 -24.58 -4.90 -11.19
CA ASN C 260 -24.03 -3.64 -11.68
C ASN C 260 -23.93 -2.58 -10.59
N ASN C 261 -23.89 -3.01 -9.32
CA ASN C 261 -23.72 -2.12 -8.18
C ASN C 261 -24.89 -1.13 -8.03
N GLY C 262 -26.09 -1.57 -8.39
CA GLY C 262 -27.29 -0.86 -7.95
C GLY C 262 -27.51 -1.13 -6.46
N ARG C 263 -27.76 -0.06 -5.70
CA ARG C 263 -27.84 -0.13 -4.25
C ARG C 263 -28.98 0.75 -3.74
N LEU C 264 -29.45 0.44 -2.53
CA LEU C 264 -30.37 1.32 -1.83
C LEU C 264 -29.72 2.68 -1.59
N PRO C 265 -30.50 3.76 -1.65
CA PRO C 265 -29.93 5.09 -1.41
C PRO C 265 -29.52 5.29 0.04
N ARG C 266 -28.73 6.31 0.26
CA ARG C 266 -28.53 6.80 1.61
C ARG C 266 -29.87 7.33 2.14
N PRO C 267 -30.31 6.90 3.32
CA PRO C 267 -31.56 7.41 3.90
C PRO C 267 -31.48 8.88 4.31
N ASP C 268 -32.60 9.57 4.17
CA ASP C 268 -32.72 10.97 4.60
C ASP C 268 -32.17 11.16 6.00
N GLY C 269 -31.23 12.08 6.15
CA GLY C 269 -30.65 12.38 7.45
C GLY C 269 -29.53 11.46 7.89
N CYS C 270 -29.22 10.40 7.11
CA CYS C 270 -28.15 9.46 7.45
C CYS C 270 -26.79 10.10 7.21
N PRO C 271 -25.87 10.07 8.18
CA PRO C 271 -24.51 10.54 7.93
C PRO C 271 -23.78 9.64 6.93
N ASP C 272 -22.82 10.25 6.24
CA ASP C 272 -22.07 9.54 5.21
C ASP C 272 -21.32 8.33 5.75
N GLU C 273 -20.83 8.40 7.00
CA GLU C 273 -20.06 7.27 7.53
C GLU C 273 -20.97 6.07 7.84
N ILE C 274 -22.20 6.31 8.29
CA ILE C 274 -23.15 5.22 8.46
C ILE C 274 -23.51 4.60 7.11
N TYR C 275 -23.75 5.45 6.11
CA TYR C 275 -24.05 4.91 4.79
C TYR C 275 -22.86 4.15 4.23
N MET C 276 -21.64 4.55 4.59
CA MET C 276 -20.46 3.82 4.11
C MET C 276 -20.42 2.43 4.74
N ILE C 277 -20.76 2.34 6.04
CA ILE C 277 -20.92 1.01 6.64
C ILE C 277 -21.88 0.17 5.80
N MET C 278 -23.06 0.72 5.50
CA MET C 278 -24.05 0.00 4.70
C MET C 278 -23.44 -0.47 3.37
N THR C 279 -22.69 0.41 2.69
CA THR C 279 -22.21 0.08 1.35
C THR C 279 -21.10 -0.96 1.41
N GLU C 280 -20.33 -0.99 2.50
CA GLU C 280 -19.32 -2.02 2.67
C GLU C 280 -19.95 -3.37 3.01
N CYS C 281 -21.03 -3.36 3.77
CA CYS C 281 -21.81 -4.59 3.91
C CYS C 281 -22.34 -5.10 2.59
N TRP C 282 -22.75 -4.19 1.70
CA TRP C 282 -23.26 -4.54 0.37
C TRP C 282 -22.14 -4.73 -0.67
N ASN C 283 -21.06 -5.45 -0.33
CA ASN C 283 -20.02 -5.75 -1.30
C ASN C 283 -20.37 -6.99 -2.09
N ASN C 284 -20.36 -6.89 -3.42
CA ASN C 284 -20.54 -8.10 -4.23
C ASN C 284 -19.50 -9.17 -3.90
N ASN C 285 -18.27 -8.78 -3.56
CA ASN C 285 -17.24 -9.74 -3.19
C ASN C 285 -17.52 -10.24 -1.77
N VAL C 286 -17.95 -11.50 -1.64
CA VAL C 286 -18.36 -12.01 -0.34
C VAL C 286 -17.24 -11.91 0.68
N ASN C 287 -15.99 -12.09 0.25
CA ASN C 287 -14.85 -12.07 1.17
C ASN C 287 -14.45 -10.68 1.60
N GLN C 288 -14.89 -9.64 0.90
CA GLN C 288 -14.54 -8.27 1.25
C GLN C 288 -15.56 -7.62 2.19
N ARG C 289 -16.62 -8.31 2.56
CA ARG C 289 -17.50 -7.64 3.50
C ARG C 289 -16.88 -7.71 4.89
N PRO C 290 -17.18 -6.73 5.74
CA PRO C 290 -16.56 -6.69 7.07
C PRO C 290 -17.09 -7.79 7.99
N SER C 291 -16.34 -8.01 9.08
CA SER C 291 -16.80 -8.92 10.09
C SER C 291 -17.73 -8.20 11.07
N PHE C 292 -18.48 -8.99 11.83
CA PHE C 292 -19.38 -8.40 12.81
C PHE C 292 -18.62 -7.76 13.95
N ARG C 293 -17.45 -8.31 14.31
CA ARG C 293 -16.66 -7.63 15.32
C ARG C 293 -16.20 -6.25 14.85
N ASP C 294 -15.83 -6.14 13.57
CA ASP C 294 -15.41 -4.85 13.06
C ASP C 294 -16.61 -3.92 12.87
N LEU C 295 -17.76 -4.46 12.48
CA LEU C 295 -18.97 -3.66 12.43
C LEU C 295 -19.29 -3.06 13.79
N ALA C 296 -19.30 -3.90 14.84
CA ALA C 296 -19.57 -3.44 16.19
C ALA C 296 -18.56 -2.39 16.63
N LEU C 297 -17.27 -2.60 16.33
CA LEU C 297 -16.23 -1.67 16.72
C LEU C 297 -16.40 -0.31 16.03
N ARG C 298 -16.61 -0.30 14.71
CA ARG C 298 -16.82 0.96 14.00
C ARG C 298 -18.06 1.69 14.51
N VAL C 299 -19.15 0.95 14.75
CA VAL C 299 -20.38 1.57 15.23
C VAL C 299 -20.17 2.14 16.62
N ASP C 300 -19.47 1.40 17.48
CA ASP C 300 -19.19 1.91 18.82
C ASP C 300 -18.30 3.14 18.78
N GLN C 301 -17.35 3.18 17.84
CA GLN C 301 -16.51 4.38 17.76
C GLN C 301 -17.33 5.59 17.29
N ILE C 302 -18.19 5.40 16.29
CA ILE C 302 -19.03 6.49 15.83
C ILE C 302 -19.96 6.95 16.94
N ARG C 303 -20.56 6.00 17.68
CA ARG C 303 -21.48 6.31 18.76
C ARG C 303 -20.78 7.05 19.90
N ASP C 304 -19.52 6.68 20.19
CA ASP C 304 -18.78 7.40 21.23
C ASP C 304 -18.36 8.79 20.76
N ASN C 305 -18.03 8.94 19.48
CA ASN C 305 -17.71 10.28 18.97
C ASN C 305 -18.93 11.18 19.02
N MET C 306 -20.12 10.60 18.81
CA MET C 306 -21.33 11.40 18.89
C MET C 306 -21.62 11.85 20.31
N ALA C 307 -21.13 11.13 21.31
CA ALA C 307 -21.40 11.46 22.71
C ALA C 307 -20.37 12.44 23.29
N LEU D 11 12.53 5.38 -19.00
CA LEU D 11 13.54 4.40 -18.62
C LEU D 11 13.25 3.78 -17.25
N TYR D 12 13.18 4.61 -16.21
CA TYR D 12 13.07 4.14 -14.83
C TYR D 12 11.62 4.25 -14.34
N PHE D 13 10.96 3.09 -14.19
CA PHE D 13 9.64 3.00 -13.56
C PHE D 13 9.74 3.10 -12.04
N GLN D 14 8.85 3.89 -11.45
CA GLN D 14 8.58 3.87 -10.02
C GLN D 14 7.19 3.29 -9.80
N GLY D 15 7.01 2.59 -8.68
CA GLY D 15 8.10 2.26 -7.78
C GLY D 15 7.73 1.36 -6.62
N ASP D 16 6.47 0.97 -6.55
CA ASP D 16 5.87 0.56 -5.30
C ASP D 16 6.30 -0.83 -4.84
N PRO D 17 6.43 -1.04 -3.49
CA PRO D 17 7.29 -2.07 -2.89
C PRO D 17 7.40 -3.43 -3.65
N THR D 18 6.87 -4.63 -3.33
CA THR D 18 6.01 -5.25 -2.26
C THR D 18 4.63 -4.64 -1.92
N GLN D 19 3.86 -4.16 -2.88
CA GLN D 19 2.42 -4.03 -2.63
C GLN D 19 1.62 -4.57 -3.79
N PHE D 20 0.59 -5.33 -3.49
CA PHE D 20 -0.35 -5.83 -4.48
C PHE D 20 -1.61 -4.95 -4.47
N GLU D 21 -2.14 -4.71 -5.65
CA GLU D 21 -3.36 -3.92 -5.74
C GLU D 21 -4.56 -4.83 -5.53
N GLU D 22 -5.45 -4.43 -4.62
CA GLU D 22 -6.56 -5.30 -4.23
C GLU D 22 -7.43 -5.64 -5.43
N ARG D 23 -7.60 -4.68 -6.35
CA ARG D 23 -8.49 -4.89 -7.48
C ARG D 23 -8.04 -6.04 -8.36
N HIS D 24 -6.75 -6.41 -8.28
CA HIS D 24 -6.21 -7.54 -9.00
C HIS D 24 -6.23 -8.83 -8.18
N LEU D 25 -6.58 -8.77 -6.90
CA LEU D 25 -6.64 -9.96 -6.05
C LEU D 25 -8.00 -10.62 -6.25
N LYS D 26 -8.01 -11.75 -6.93
CA LYS D 26 -9.25 -12.43 -7.27
C LYS D 26 -9.47 -13.54 -6.25
N PHE D 27 -10.45 -13.35 -5.37
CA PHE D 27 -10.70 -14.32 -4.32
C PHE D 27 -11.04 -15.68 -4.91
N LEU D 28 -10.36 -16.71 -4.43
CA LEU D 28 -10.65 -18.08 -4.84
C LEU D 28 -11.36 -18.85 -3.75
N GLN D 29 -10.92 -18.73 -2.51
CA GLN D 29 -11.40 -19.66 -1.49
C GLN D 29 -10.77 -19.28 -0.16
N GLN D 30 -11.33 -19.80 0.91
CA GLN D 30 -10.74 -19.62 2.23
C GLN D 30 -9.81 -20.78 2.57
N LEU D 31 -8.65 -20.47 3.16
CA LEU D 31 -7.66 -21.48 3.52
C LEU D 31 -7.65 -21.81 5.00
N GLY D 32 -7.76 -20.82 5.87
CA GLY D 32 -7.66 -21.09 7.28
C GLY D 32 -8.03 -19.90 8.11
N LYS D 33 -8.27 -20.16 9.38
CA LYS D 33 -8.83 -19.21 10.31
C LYS D 33 -8.06 -19.25 11.61
N GLY D 34 -7.58 -18.12 12.07
CA GLY D 34 -7.13 -17.96 13.43
C GLY D 34 -8.28 -17.49 14.31
N ASN D 35 -7.91 -16.91 15.45
CA ASN D 35 -8.92 -16.43 16.37
C ASN D 35 -9.34 -14.99 16.12
N PHE D 36 -8.47 -14.19 15.49
CA PHE D 36 -8.98 -12.92 14.97
C PHE D 36 -8.31 -12.51 13.66
N GLY D 37 -7.73 -13.46 12.94
CA GLY D 37 -7.34 -13.24 11.56
C GLY D 37 -7.68 -14.47 10.75
N SER D 38 -7.47 -14.36 9.44
CA SER D 38 -7.79 -15.47 8.56
C SER D 38 -7.08 -15.29 7.23
N VAL D 39 -6.96 -16.40 6.49
CA VAL D 39 -6.13 -16.46 5.29
C VAL D 39 -6.97 -17.02 4.15
N GLU D 40 -6.94 -16.31 3.02
CA GLU D 40 -7.68 -16.63 1.79
C GLU D 40 -6.71 -17.04 0.69
N MET D 41 -7.13 -17.98 -0.13
CA MET D 41 -6.49 -18.26 -1.40
C MET D 41 -7.01 -17.29 -2.45
N CYS D 42 -6.10 -16.54 -3.09
CA CYS D 42 -6.44 -15.59 -4.14
C CYS D 42 -5.48 -15.78 -5.32
N ARG D 43 -5.88 -15.28 -6.48
CA ARG D 43 -5.00 -15.22 -7.64
C ARG D 43 -4.75 -13.75 -7.95
N TYR D 44 -3.50 -13.33 -7.86
CA TYR D 44 -3.11 -12.00 -8.33
C TYR D 44 -3.08 -12.08 -9.84
N ASP D 45 -4.08 -11.45 -10.46
CA ASP D 45 -4.37 -11.63 -11.87
C ASP D 45 -4.68 -10.28 -12.51
N PRO D 46 -3.71 -9.35 -12.51
CA PRO D 46 -3.95 -8.04 -13.13
C PRO D 46 -4.27 -8.12 -14.61
N LEU D 47 -3.70 -9.07 -15.33
CA LEU D 47 -4.04 -9.27 -16.73
C LEU D 47 -5.39 -9.95 -16.92
N GLN D 48 -6.01 -10.39 -15.81
CA GLN D 48 -7.39 -10.85 -15.81
C GLN D 48 -7.62 -11.99 -16.81
N ASP D 49 -6.56 -12.72 -17.14
CA ASP D 49 -6.65 -13.85 -18.04
C ASP D 49 -6.24 -15.15 -17.36
N ASN D 50 -6.23 -15.16 -16.02
CA ASN D 50 -5.94 -16.34 -15.21
C ASN D 50 -4.49 -16.81 -15.38
N THR D 51 -3.61 -15.89 -15.75
CA THR D 51 -2.18 -16.22 -15.78
C THR D 51 -1.45 -15.80 -14.51
N GLY D 52 -2.04 -14.91 -13.72
CA GLY D 52 -1.42 -14.45 -12.49
C GLY D 52 -1.25 -15.58 -11.50
N GLU D 53 -0.48 -15.29 -10.46
CA GLU D 53 -0.07 -16.37 -9.58
C GLU D 53 -1.01 -16.48 -8.38
N VAL D 54 -1.19 -17.70 -7.90
CA VAL D 54 -1.97 -17.93 -6.69
C VAL D 54 -1.12 -17.59 -5.47
N VAL D 55 -1.70 -16.80 -4.56
CA VAL D 55 -1.05 -16.35 -3.34
C VAL D 55 -2.01 -16.55 -2.16
N ALA D 56 -1.45 -16.49 -0.97
CA ALA D 56 -2.21 -16.55 0.27
C ALA D 56 -2.28 -15.15 0.87
N VAL D 57 -3.48 -14.75 1.30
CA VAL D 57 -3.76 -13.39 1.76
C VAL D 57 -4.28 -13.48 3.19
N LYS D 58 -3.54 -12.91 4.13
CA LYS D 58 -3.97 -12.85 5.51
C LYS D 58 -4.56 -11.48 5.82
N LYS D 59 -5.61 -11.48 6.64
CA LYS D 59 -6.27 -10.25 7.02
C LYS D 59 -6.79 -10.40 8.44
N LEU D 60 -7.00 -9.25 9.09
CA LEU D 60 -7.61 -9.20 10.42
C LEU D 60 -9.13 -9.26 10.32
N GLN D 61 -9.75 -9.91 11.30
CA GLN D 61 -11.20 -9.88 11.43
C GLN D 61 -11.66 -9.13 12.67
N HIS D 62 -10.75 -8.77 13.57
CA HIS D 62 -11.06 -7.95 14.75
C HIS D 62 -10.01 -6.85 14.85
N SER D 63 -10.24 -5.74 14.16
CA SER D 63 -9.23 -4.71 13.91
C SER D 63 -9.17 -3.64 15.01
N THR D 64 -9.02 -4.09 16.26
CA THR D 64 -8.71 -3.14 17.31
C THR D 64 -7.32 -2.55 17.10
N GLU D 65 -7.04 -1.50 17.87
CA GLU D 65 -5.74 -0.84 17.76
C GLU D 65 -4.60 -1.81 18.11
N GLU D 66 -4.76 -2.56 19.20
CA GLU D 66 -3.76 -3.56 19.56
C GLU D 66 -3.55 -4.54 18.42
N HIS D 67 -4.64 -5.12 17.90
CA HIS D 67 -4.52 -6.10 16.83
C HIS D 67 -3.88 -5.49 15.59
N LEU D 68 -4.17 -4.23 15.29
CA LEU D 68 -3.55 -3.58 14.14
C LEU D 68 -2.03 -3.44 14.33
N ARG D 69 -1.60 -2.97 15.49
CA ARG D 69 -0.16 -2.85 15.74
C ARG D 69 0.50 -4.22 15.67
N ASP D 70 -0.13 -5.22 16.28
CA ASP D 70 0.44 -6.56 16.27
C ASP D 70 0.58 -7.09 14.86
N PHE D 71 -0.39 -6.80 14.00
CA PHE D 71 -0.34 -7.26 12.62
C PHE D 71 0.77 -6.57 11.85
N GLU D 72 0.97 -5.27 12.10
CA GLU D 72 2.05 -4.58 11.42
C GLU D 72 3.39 -5.18 11.83
N ARG D 73 3.54 -5.50 13.11
CA ARG D 73 4.79 -6.12 13.57
C ARG D 73 4.94 -7.53 13.00
N GLU D 74 3.83 -8.27 12.89
CA GLU D 74 3.89 -9.60 12.31
C GLU D 74 4.34 -9.54 10.86
N ILE D 75 3.83 -8.57 10.12
CA ILE D 75 4.28 -8.37 8.75
C ILE D 75 5.77 -8.06 8.73
N GLU D 76 6.24 -7.16 9.60
CA GLU D 76 7.67 -6.86 9.63
C GLU D 76 8.46 -8.12 9.94
N ILE D 77 7.99 -8.94 10.88
CA ILE D 77 8.72 -10.13 11.27
C ILE D 77 8.82 -11.09 10.10
N LEU D 78 7.67 -11.44 9.51
CA LEU D 78 7.70 -12.34 8.36
C LEU D 78 8.60 -11.80 7.26
N LYS D 79 8.52 -10.49 7.01
CA LYS D 79 9.31 -9.86 5.95
C LYS D 79 10.81 -10.06 6.18
N SER D 80 11.24 -10.05 7.45
CA SER D 80 12.65 -10.18 7.79
C SER D 80 13.15 -11.62 7.77
N LEU D 81 12.32 -12.59 7.39
CA LEU D 81 12.70 -13.99 7.45
C LEU D 81 12.86 -14.56 6.06
N GLN D 82 14.01 -15.19 5.81
CA GLN D 82 14.27 -15.92 4.56
C GLN D 82 14.88 -17.26 4.92
N HIS D 83 14.10 -18.33 4.72
CA HIS D 83 14.51 -19.68 5.07
C HIS D 83 13.59 -20.66 4.36
N ASP D 84 14.18 -21.78 3.90
CA ASP D 84 13.43 -22.74 3.10
C ASP D 84 12.22 -23.29 3.82
N ASN D 85 12.25 -23.27 5.16
CA ASN D 85 11.26 -23.92 6.01
C ASN D 85 10.38 -22.90 6.73
N ILE D 86 10.25 -21.71 6.15
CA ILE D 86 9.39 -20.66 6.65
C ILE D 86 8.62 -20.09 5.46
N VAL D 87 7.32 -19.87 5.65
CA VAL D 87 6.49 -19.39 4.55
C VAL D 87 6.97 -18.01 4.09
N LYS D 88 6.98 -17.82 2.77
CA LYS D 88 7.61 -16.63 2.18
C LYS D 88 6.69 -15.41 2.23
N TYR D 89 7.24 -14.29 2.71
CA TYR D 89 6.62 -13.00 2.52
C TYR D 89 6.70 -12.58 1.06
N LYS D 90 5.56 -12.18 0.48
CA LYS D 90 5.54 -11.57 -0.83
C LYS D 90 5.23 -10.07 -0.82
N GLY D 91 4.33 -9.60 0.03
CA GLY D 91 4.05 -8.18 0.07
C GLY D 91 2.90 -7.87 1.00
N VAL D 92 2.40 -6.65 0.85
CA VAL D 92 1.23 -6.23 1.60
C VAL D 92 0.25 -5.61 0.63
N CYS D 93 -0.92 -5.34 1.17
CA CYS D 93 -2.01 -4.78 0.42
C CYS D 93 -2.85 -3.98 1.39
N TYR D 94 -3.37 -2.86 0.94
CA TYR D 94 -4.32 -2.12 1.77
C TYR D 94 -5.14 -1.19 0.90
N SER D 95 -6.12 -0.55 1.53
CA SER D 95 -6.89 0.55 0.98
C SER D 95 -6.45 1.78 1.75
N ALA D 96 -5.54 2.56 1.16
CA ALA D 96 -5.00 3.77 1.78
C ALA D 96 -6.11 4.65 2.34
N GLY D 97 -5.91 5.14 3.56
CA GLY D 97 -4.69 4.87 4.32
C GLY D 97 -4.73 3.78 5.37
N ARG D 98 -3.88 2.77 5.20
CA ARG D 98 -3.65 1.69 6.16
C ARG D 98 -4.87 0.81 6.38
N ARG D 99 -5.95 1.07 5.66
CA ARG D 99 -7.19 0.35 5.88
C ARG D 99 -7.19 -0.93 5.07
N ASN D 100 -7.83 -1.97 5.61
CA ASN D 100 -7.89 -3.27 4.95
C ASN D 100 -6.50 -3.84 4.72
N LEU D 101 -5.60 -3.64 5.68
CA LEU D 101 -4.23 -4.10 5.52
C LEU D 101 -4.20 -5.62 5.41
N LYS D 102 -3.49 -6.12 4.41
CA LYS D 102 -3.45 -7.54 4.14
C LYS D 102 -2.02 -7.98 3.87
N LEU D 103 -1.67 -9.12 4.45
CA LEU D 103 -0.35 -9.71 4.30
C LEU D 103 -0.38 -10.72 3.16
N ILE D 104 0.40 -10.48 2.10
CA ILE D 104 0.51 -11.41 0.98
C ILE D 104 1.68 -12.36 1.21
N MET D 105 1.42 -13.66 1.08
CA MET D 105 2.40 -14.71 1.30
C MET D 105 2.29 -15.75 0.18
N GLU D 106 3.31 -16.60 0.05
CA GLU D 106 3.24 -17.70 -0.91
C GLU D 106 2.10 -18.65 -0.54
N TYR D 107 1.54 -19.32 -1.55
CA TYR D 107 0.46 -20.27 -1.33
C TYR D 107 1.04 -21.67 -1.30
N LEU D 108 0.89 -22.36 -0.17
CA LEU D 108 1.31 -23.75 -0.13
C LEU D 108 0.10 -24.66 -0.37
N PRO D 109 0.23 -25.66 -1.24
CA PRO D 109 -0.97 -26.32 -1.79
C PRO D 109 -1.48 -27.52 -1.02
N TYR D 110 -0.82 -27.97 0.06
CA TYR D 110 -1.19 -29.23 0.70
C TYR D 110 -1.64 -29.05 2.15
N GLY D 111 -2.09 -27.85 2.50
CA GLY D 111 -2.70 -27.61 3.79
C GLY D 111 -1.76 -27.78 4.98
N SER D 112 -2.39 -27.88 6.15
CA SER D 112 -1.64 -28.02 7.38
C SER D 112 -1.00 -29.40 7.48
N LEU D 113 0.12 -29.46 8.20
CA LEU D 113 0.76 -30.74 8.44
C LEU D 113 -0.15 -31.65 9.24
N ARG D 114 -1.01 -31.08 10.09
CA ARG D 114 -1.96 -31.86 10.88
C ARG D 114 -2.90 -32.66 9.98
N ASP D 115 -3.63 -31.96 9.11
CA ASP D 115 -4.54 -32.64 8.20
C ASP D 115 -3.78 -33.56 7.25
N TYR D 116 -2.70 -33.05 6.65
CA TYR D 116 -1.93 -33.84 5.70
C TYR D 116 -1.47 -35.15 6.32
N LEU D 117 -0.96 -35.09 7.55
CA LEU D 117 -0.56 -36.31 8.26
C LEU D 117 -1.74 -37.25 8.49
N GLN D 118 -2.93 -36.70 8.76
CA GLN D 118 -4.09 -37.60 8.86
C GLN D 118 -4.41 -38.29 7.54
N LYS D 119 -4.35 -37.53 6.44
CA LYS D 119 -4.70 -38.04 5.11
C LYS D 119 -3.77 -39.15 4.63
N HIS D 120 -2.52 -39.16 5.08
CA HIS D 120 -1.50 -40.02 4.48
C HIS D 120 -0.83 -40.88 5.54
N LYS D 121 -1.57 -41.26 6.59
CA LYS D 121 -1.00 -42.11 7.64
C LYS D 121 -0.25 -43.31 7.06
N GLU D 122 -0.84 -44.00 6.08
CA GLU D 122 -0.30 -45.27 5.61
C GLU D 122 0.97 -45.15 4.77
N ARG D 123 1.28 -43.97 4.21
CA ARG D 123 2.51 -43.81 3.45
C ARG D 123 3.59 -43.03 4.19
N ILE D 124 3.30 -42.48 5.37
CA ILE D 124 4.29 -41.69 6.10
C ILE D 124 4.82 -42.54 7.25
N ASP D 125 6.08 -42.98 7.14
CA ASP D 125 6.75 -43.79 8.15
C ASP D 125 7.62 -42.91 9.02
N HIS D 126 8.30 -43.54 9.99
CA HIS D 126 9.04 -42.77 10.99
C HIS D 126 10.13 -41.91 10.37
N ILE D 127 10.83 -42.42 9.36
CA ILE D 127 11.90 -41.63 8.80
C ILE D 127 11.34 -40.40 8.07
N LYS D 128 10.18 -40.53 7.42
CA LYS D 128 9.55 -39.35 6.81
C LYS D 128 9.16 -38.34 7.89
N LEU D 129 8.62 -38.85 9.02
CA LEU D 129 8.26 -37.97 10.13
C LEU D 129 9.48 -37.23 10.65
N LEU D 130 10.63 -37.92 10.70
CA LEU D 130 11.87 -37.29 11.15
C LEU D 130 12.38 -36.29 10.12
N GLN D 131 12.14 -36.54 8.84
CA GLN D 131 12.49 -35.56 7.82
C GLN D 131 11.77 -34.24 8.08
N TYR D 132 10.45 -34.32 8.28
CA TYR D 132 9.66 -33.15 8.65
C TYR D 132 10.19 -32.51 9.94
N THR D 133 10.37 -33.32 10.99
CA THR D 133 10.88 -32.84 12.27
C THR D 133 12.14 -32.02 12.10
N SER D 134 13.07 -32.54 11.30
CA SER D 134 14.35 -31.88 11.06
C SER D 134 14.16 -30.55 10.33
N GLN D 135 13.25 -30.51 9.35
CA GLN D 135 13.00 -29.23 8.70
C GLN D 135 12.43 -28.22 9.71
N ILE D 136 11.59 -28.70 10.63
CA ILE D 136 11.01 -27.80 11.61
C ILE D 136 12.09 -27.30 12.55
N CYS D 137 12.98 -28.18 12.99
CA CYS D 137 14.04 -27.74 13.89
C CYS D 137 14.91 -26.70 13.22
N LYS D 138 15.18 -26.86 11.93
CA LYS D 138 16.05 -25.91 11.26
C LYS D 138 15.33 -24.57 11.04
N GLY D 139 14.05 -24.59 10.70
CA GLY D 139 13.31 -23.34 10.68
C GLY D 139 13.36 -22.64 12.03
N MET D 140 13.21 -23.41 13.12
CA MET D 140 13.20 -22.81 14.45
C MET D 140 14.58 -22.31 14.85
N GLU D 141 15.64 -23.01 14.44
CA GLU D 141 16.99 -22.52 14.67
C GLU D 141 17.20 -21.18 13.99
N TYR D 142 16.72 -21.07 12.75
CA TYR D 142 16.82 -19.80 12.03
C TYR D 142 16.03 -18.71 12.75
N LEU D 143 14.83 -19.06 13.23
CA LEU D 143 14.06 -18.08 13.99
C LEU D 143 14.84 -17.59 15.18
N GLY D 144 15.43 -18.52 15.95
CA GLY D 144 16.17 -18.15 17.14
C GLY D 144 17.34 -17.23 16.84
N THR D 145 17.97 -17.38 15.66
CA THR D 145 19.07 -16.46 15.35
C THR D 145 18.58 -15.02 15.18
N LYS D 146 17.31 -14.81 14.90
CA LYS D 146 16.78 -13.44 14.82
C LYS D 146 16.21 -12.96 16.14
N ARG D 147 16.34 -13.76 17.20
CA ARG D 147 15.77 -13.45 18.51
C ARG D 147 14.25 -13.30 18.40
N TYR D 148 13.64 -14.17 17.61
CA TYR D 148 12.21 -14.29 17.44
C TYR D 148 11.69 -15.49 18.22
N ILE D 149 10.69 -15.27 19.05
CA ILE D 149 10.01 -16.32 19.80
C ILE D 149 8.66 -16.57 19.12
N HIS D 150 8.40 -17.83 18.76
CA HIS D 150 7.24 -18.11 17.92
C HIS D 150 5.95 -18.12 18.73
N ARG D 151 5.96 -18.83 19.86
CA ARG D 151 4.91 -18.87 20.88
C ARG D 151 3.72 -19.73 20.51
N ASP D 152 3.65 -20.28 19.31
CA ASP D 152 2.45 -20.98 18.88
C ASP D 152 2.80 -22.16 17.97
N LEU D 153 3.88 -22.87 18.29
CA LEU D 153 4.33 -24.03 17.52
C LEU D 153 3.37 -25.20 17.72
N ALA D 154 2.91 -25.78 16.62
CA ALA D 154 1.89 -26.81 16.62
C ALA D 154 1.69 -27.26 15.18
N THR D 155 1.30 -28.52 14.99
CA THR D 155 1.22 -29.03 13.62
C THR D 155 0.14 -28.32 12.81
N ARG D 156 -0.81 -27.66 13.48
CA ARG D 156 -1.82 -26.88 12.76
C ARG D 156 -1.23 -25.62 12.15
N ASN D 157 -0.04 -25.21 12.59
CA ASN D 157 0.64 -24.03 12.06
C ASN D 157 1.85 -24.39 11.21
N ILE D 158 2.04 -25.68 10.91
CA ILE D 158 3.00 -26.14 9.91
C ILE D 158 2.21 -26.45 8.64
N LEU D 159 2.70 -25.94 7.51
CA LEU D 159 2.10 -26.11 6.19
C LEU D 159 2.97 -27.01 5.33
N VAL D 160 2.34 -27.70 4.36
CA VAL D 160 3.02 -28.70 3.53
C VAL D 160 3.14 -28.17 2.10
N GLU D 161 4.38 -27.96 1.64
CA GLU D 161 4.60 -27.62 0.24
C GLU D 161 4.52 -28.85 -0.66
N ASN D 162 5.01 -29.99 -0.19
CA ASN D 162 4.93 -31.27 -0.89
C ASN D 162 5.34 -32.35 0.10
N GLU D 163 5.33 -33.60 -0.36
CA GLU D 163 5.64 -34.72 0.55
C GLU D 163 7.06 -34.66 1.10
N ASN D 164 7.91 -33.77 0.61
CA ASN D 164 9.26 -33.67 1.12
C ASN D 164 9.60 -32.35 1.83
N ARG D 165 8.68 -31.37 1.90
CA ARG D 165 9.02 -30.13 2.59
C ARG D 165 7.82 -29.49 3.26
N VAL D 166 8.01 -29.14 4.53
CA VAL D 166 7.06 -28.39 5.32
C VAL D 166 7.66 -27.02 5.67
N LYS D 167 6.79 -26.07 5.97
CA LYS D 167 7.21 -24.73 6.37
C LYS D 167 6.40 -24.29 7.58
N ILE D 168 7.04 -23.55 8.47
CA ILE D 168 6.28 -22.87 9.52
C ILE D 168 5.43 -21.80 8.85
N GLY D 169 4.13 -21.81 9.13
CA GLY D 169 3.16 -21.12 8.30
C GLY D 169 2.47 -19.88 8.87
N ASP D 170 2.54 -19.67 10.18
CA ASP D 170 1.87 -18.52 10.78
C ASP D 170 2.69 -17.95 11.92
N PHE D 171 2.82 -16.62 11.94
CA PHE D 171 3.61 -15.93 12.96
C PHE D 171 2.79 -14.86 13.66
N GLY D 172 1.48 -15.08 13.85
CA GLY D 172 0.63 -14.09 14.48
C GLY D 172 0.91 -13.87 15.96
N LEU D 173 1.58 -14.81 16.60
CA LEU D 173 1.94 -14.69 18.02
C LEU D 173 3.43 -14.51 18.24
N THR D 174 4.22 -14.40 17.17
CA THR D 174 5.66 -14.28 17.30
C THR D 174 6.04 -12.94 17.92
N LYS D 175 7.00 -12.97 18.84
CA LYS D 175 7.48 -11.79 19.54
C LYS D 175 8.99 -11.65 19.37
N VAL D 176 9.44 -10.40 19.33
CA VAL D 176 10.86 -10.09 19.33
C VAL D 176 11.33 -10.02 20.77
N LEU D 177 12.44 -10.70 21.07
CA LEU D 177 12.99 -10.64 22.42
C LEU D 177 13.45 -9.22 22.73
N PRO D 178 13.37 -8.80 23.98
CA PRO D 178 14.06 -7.57 24.39
C PRO D 178 15.55 -7.76 24.22
N GLN D 179 16.25 -6.65 23.95
CA GLN D 179 17.70 -6.73 23.75
C GLN D 179 18.41 -7.26 24.99
N ASP D 180 18.02 -6.77 26.16
CA ASP D 180 18.80 -6.99 27.37
C ASP D 180 18.55 -8.33 28.03
N LYS D 181 17.55 -9.10 27.59
CA LYS D 181 17.08 -10.21 28.41
C LYS D 181 16.56 -11.33 27.51
N GLU D 182 16.66 -12.57 28.02
CA GLU D 182 16.43 -13.76 27.21
C GLU D 182 15.02 -14.36 27.25
N PTR D 183 14.06 -13.63 27.81
CA PTR D 183 12.69 -14.08 27.75
C PTR D 183 11.80 -12.87 27.63
O PTR D 183 12.09 -11.79 28.15
CB PTR D 183 12.28 -14.95 28.95
CG PTR D 183 12.58 -14.37 30.31
CD1 PTR D 183 11.72 -13.45 30.89
CD2 PTR D 183 13.71 -14.75 31.02
CE1 PTR D 183 11.99 -12.93 32.14
CE2 PTR D 183 13.99 -14.24 32.27
CZ PTR D 183 13.12 -13.33 32.83
OH PTR D 183 13.40 -12.83 34.01
P PTR D 183 12.39 -12.90 35.28
O1P PTR D 183 11.12 -13.74 35.00
O2P PTR D 183 13.14 -13.44 36.43
O3P PTR D 183 11.92 -11.45 35.56
N TYR D 184 10.69 -13.10 26.92
CA TYR D 184 9.58 -12.16 26.77
C TYR D 184 8.34 -12.71 27.48
N LYS D 185 7.91 -11.92 28.46
CA LYS D 185 6.83 -12.25 29.37
C LYS D 185 5.63 -11.47 28.86
N VAL D 186 4.84 -12.09 28.00
CA VAL D 186 3.87 -11.43 27.16
C VAL D 186 2.68 -11.06 28.03
N LYS D 187 2.07 -9.92 27.68
CA LYS D 187 1.21 -9.09 28.53
C LYS D 187 -0.26 -9.50 28.56
N GLU D 188 -0.90 -9.23 29.69
CA GLU D 188 -2.29 -9.51 29.98
C GLU D 188 -3.18 -8.63 29.12
N PRO D 189 -4.15 -9.20 28.39
CA PRO D 189 -4.20 -10.66 28.32
C PRO D 189 -3.48 -11.20 27.10
N GLY D 190 -3.15 -12.49 27.13
CA GLY D 190 -3.06 -13.26 25.91
C GLY D 190 -4.39 -13.92 25.65
N GLU D 191 -4.39 -14.79 24.66
CA GLU D 191 -5.28 -15.92 24.53
C GLU D 191 -4.34 -17.10 24.40
N SER D 192 -4.80 -18.31 24.72
CA SER D 192 -3.69 -19.25 24.82
C SER D 192 -4.00 -20.69 24.48
N PRO D 193 -3.12 -21.36 23.73
CA PRO D 193 -3.21 -22.81 23.55
C PRO D 193 -2.44 -23.53 24.65
N ILE D 194 -3.12 -23.74 25.77
CA ILE D 194 -2.42 -24.09 27.00
C ILE D 194 -1.75 -25.45 26.90
N PHE D 195 -2.30 -26.34 26.08
CA PHE D 195 -1.76 -27.70 26.03
C PHE D 195 -0.49 -27.83 25.20
N TRP D 196 -0.03 -26.74 24.58
CA TRP D 196 1.29 -26.66 23.98
C TRP D 196 2.28 -25.82 24.81
N TYR D 197 1.83 -25.29 25.95
CA TYR D 197 2.56 -24.28 26.71
C TYR D 197 3.52 -24.88 27.73
N ALA D 198 4.73 -24.30 27.82
CA ALA D 198 5.64 -24.59 28.91
C ALA D 198 5.06 -24.14 30.25
N PRO D 199 5.46 -24.80 31.35
CA PRO D 199 4.98 -24.37 32.67
C PRO D 199 5.22 -22.90 32.98
N GLU D 200 6.37 -22.36 32.63
CA GLU D 200 6.60 -20.95 32.91
C GLU D 200 5.68 -20.07 32.08
N SER D 201 5.33 -20.52 30.87
CA SER D 201 4.30 -19.80 30.12
C SER D 201 2.96 -19.84 30.83
N LEU D 202 2.60 -20.98 31.42
CA LEU D 202 1.32 -21.06 32.10
C LEU D 202 1.30 -20.25 33.40
N THR D 203 2.43 -20.21 34.13
CA THR D 203 2.45 -19.56 35.44
C THR D 203 2.79 -18.08 35.38
N GLU D 204 3.68 -17.67 34.49
CA GLU D 204 4.14 -16.29 34.49
C GLU D 204 4.11 -15.66 33.10
N SER D 205 3.44 -16.29 32.14
CA SER D 205 3.42 -15.80 30.77
C SER D 205 4.84 -15.60 30.24
N LYS D 206 5.77 -16.42 30.71
CA LYS D 206 7.17 -16.32 30.31
C LYS D 206 7.36 -17.12 29.03
N PHE D 207 7.81 -16.43 27.97
CA PHE D 207 8.04 -17.03 26.68
C PHE D 207 9.49 -16.82 26.23
N SER D 208 10.08 -17.87 25.69
CA SER D 208 11.50 -17.87 25.35
C SER D 208 11.75 -18.93 24.30
N VAL D 209 13.02 -19.02 23.89
CA VAL D 209 13.42 -20.11 23.01
C VAL D 209 13.14 -21.45 23.67
N ALA D 210 13.45 -21.56 24.96
CA ALA D 210 13.24 -22.82 25.66
C ALA D 210 11.76 -23.22 25.70
N SER D 211 10.84 -22.26 25.85
CA SER D 211 9.42 -22.65 25.78
C SER D 211 9.01 -23.01 24.35
N ASP D 212 9.57 -22.34 23.34
CA ASP D 212 9.43 -22.84 21.98
C ASP D 212 9.92 -24.29 21.85
N VAL D 213 11.00 -24.65 22.55
CA VAL D 213 11.51 -26.03 22.50
C VAL D 213 10.52 -26.97 23.19
N TRP D 214 9.89 -26.51 24.27
CA TRP D 214 8.79 -27.26 24.88
C TRP D 214 7.70 -27.55 23.84
N SER D 215 7.28 -26.50 23.13
CA SER D 215 6.20 -26.68 22.16
C SER D 215 6.65 -27.58 21.02
N PHE D 216 7.90 -27.47 20.60
CA PHE D 216 8.42 -28.40 19.60
C PHE D 216 8.31 -29.84 20.09
N GLY D 217 8.67 -30.09 21.35
CA GLY D 217 8.43 -31.40 21.92
C GLY D 217 7.01 -31.86 21.70
N VAL D 218 6.04 -30.98 22.02
CA VAL D 218 4.63 -31.33 21.80
C VAL D 218 4.37 -31.64 20.32
N VAL D 219 4.93 -30.84 19.42
CA VAL D 219 4.77 -31.08 17.98
C VAL D 219 5.28 -32.47 17.62
N LEU D 220 6.41 -32.87 18.20
CA LEU D 220 6.97 -34.18 17.93
C LEU D 220 6.01 -35.26 18.39
N TYR D 221 5.45 -35.07 19.59
CA TYR D 221 4.40 -35.96 20.08
C TYR D 221 3.27 -36.06 19.06
N GLU D 222 2.80 -34.90 18.57
CA GLU D 222 1.72 -34.83 17.61
C GLU D 222 2.01 -35.68 16.38
N LEU D 223 3.16 -35.41 15.76
CA LEU D 223 3.56 -36.13 14.55
C LEU D 223 3.55 -37.63 14.81
N PHE D 224 4.05 -38.06 15.95
CA PHE D 224 4.14 -39.50 16.14
C PHE D 224 2.83 -40.13 16.62
N THR D 225 1.83 -39.33 17.00
CA THR D 225 0.49 -39.85 17.21
C THR D 225 -0.27 -40.00 15.90
N TYR D 226 0.31 -39.53 14.80
CA TYR D 226 -0.37 -39.45 13.50
C TYR D 226 -1.72 -38.76 13.60
N ILE D 227 -1.91 -37.94 14.64
CA ILE D 227 -3.14 -37.18 14.87
C ILE D 227 -4.30 -38.16 14.98
N GLU D 228 -4.07 -39.27 15.67
CA GLU D 228 -5.16 -40.17 15.99
C GLU D 228 -6.14 -39.50 16.95
N LYS D 229 -7.40 -39.96 16.91
CA LYS D 229 -8.50 -39.24 17.56
C LYS D 229 -8.26 -39.05 19.05
N SER D 230 -8.29 -40.15 19.80
CA SER D 230 -8.20 -40.04 21.26
C SER D 230 -6.88 -39.43 21.75
N LYS D 231 -5.87 -39.28 20.87
CA LYS D 231 -4.48 -39.12 21.28
C LYS D 231 -3.97 -37.68 21.24
N SER D 232 -4.83 -36.70 20.96
CA SER D 232 -4.38 -35.31 20.90
C SER D 232 -3.84 -34.86 22.26
N PRO D 233 -2.99 -33.83 22.28
CA PRO D 233 -2.54 -33.27 23.56
C PRO D 233 -3.70 -32.76 24.38
N PRO D 234 -4.66 -32.02 23.79
CA PRO D 234 -5.85 -31.64 24.59
C PRO D 234 -6.61 -32.82 25.15
N ALA D 235 -6.92 -33.83 24.33
CA ALA D 235 -7.61 -35.02 24.83
C ALA D 235 -6.82 -35.69 25.94
N GLU D 236 -5.50 -35.82 25.75
CA GLU D 236 -4.69 -36.60 26.68
C GLU D 236 -4.57 -35.89 28.03
N PHE D 237 -4.27 -34.58 27.99
CA PHE D 237 -4.21 -33.80 29.23
C PHE D 237 -5.58 -33.74 29.91
N MET D 238 -6.66 -33.53 29.14
CA MET D 238 -7.98 -33.46 29.75
C MET D 238 -8.33 -34.77 30.43
N ARG D 239 -7.98 -35.89 29.81
CA ARG D 239 -8.21 -37.16 30.48
C ARG D 239 -7.35 -37.30 31.71
N MET D 240 -6.12 -36.78 31.67
CA MET D 240 -5.25 -36.91 32.83
C MET D 240 -5.77 -36.13 34.02
N ILE D 241 -6.20 -34.89 33.80
CA ILE D 241 -6.68 -34.07 34.91
C ILE D 241 -8.16 -34.29 35.20
N GLY D 242 -8.90 -34.94 34.30
CA GLY D 242 -10.32 -35.13 34.49
C GLY D 242 -11.16 -34.22 33.63
N ASN D 243 -12.06 -34.78 32.82
CA ASN D 243 -12.84 -33.94 31.91
C ASN D 243 -13.87 -33.06 32.62
N ASP D 244 -14.25 -33.38 33.85
CA ASP D 244 -15.22 -32.58 34.58
C ASP D 244 -14.69 -31.21 34.96
N LYS D 245 -13.40 -30.96 34.84
CA LYS D 245 -12.87 -29.64 35.12
C LYS D 245 -13.32 -28.68 34.03
N GLN D 246 -13.51 -27.41 34.40
CA GLN D 246 -13.97 -26.40 33.45
C GLN D 246 -13.21 -25.10 33.66
N GLY D 247 -12.92 -24.41 32.56
CA GLY D 247 -12.48 -23.03 32.63
C GLY D 247 -11.07 -22.89 33.16
N GLN D 248 -10.87 -21.80 33.93
CA GLN D 248 -9.56 -21.47 34.45
C GLN D 248 -9.02 -22.58 35.36
N MET D 249 -9.91 -23.33 36.02
CA MET D 249 -9.49 -24.49 36.80
C MET D 249 -8.59 -25.41 35.97
N ILE D 250 -8.96 -25.66 34.71
CA ILE D 250 -8.17 -26.47 33.80
C ILE D 250 -6.71 -26.04 33.94
N VAL D 251 -6.45 -24.76 33.65
CA VAL D 251 -5.08 -24.25 33.63
C VAL D 251 -4.37 -24.61 34.93
N PHE D 252 -5.02 -24.37 36.07
CA PHE D 252 -4.37 -24.60 37.34
C PHE D 252 -4.08 -26.08 37.54
N HIS D 253 -5.05 -26.93 37.19
CA HIS D 253 -4.79 -28.36 37.21
C HIS D 253 -3.62 -28.72 36.30
N LEU D 254 -3.60 -28.14 35.09
CA LEU D 254 -2.50 -28.44 34.19
C LEU D 254 -1.18 -28.07 34.84
N ILE D 255 -1.13 -26.88 35.48
CA ILE D 255 0.09 -26.43 36.13
C ILE D 255 0.52 -27.47 37.15
N GLU D 256 -0.42 -27.88 38.00
CA GLU D 256 -0.07 -28.84 39.04
C GLU D 256 0.45 -30.13 38.42
N LEU D 257 -0.21 -30.59 37.35
CA LEU D 257 0.18 -31.83 36.70
C LEU D 257 1.60 -31.76 36.14
N LEU D 258 1.97 -30.61 35.56
CA LEU D 258 3.30 -30.53 35.01
C LEU D 258 4.33 -30.44 36.13
N LYS D 259 3.95 -29.80 37.24
CA LYS D 259 4.87 -29.67 38.37
C LYS D 259 5.25 -31.02 38.93
N ASN D 260 4.32 -31.97 38.90
CA ASN D 260 4.53 -33.31 39.41
C ASN D 260 4.98 -34.27 38.31
N ASN D 261 5.53 -33.73 37.23
CA ASN D 261 6.15 -34.50 36.15
C ASN D 261 5.17 -35.43 35.44
N GLY D 262 3.90 -35.03 35.40
CA GLY D 262 2.97 -35.66 34.48
C GLY D 262 3.33 -35.23 33.07
N ARG D 263 3.36 -36.18 32.15
CA ARG D 263 3.70 -35.86 30.76
C ARG D 263 2.75 -36.61 29.83
N LEU D 264 2.66 -36.14 28.60
CA LEU D 264 1.96 -36.88 27.56
C LEU D 264 2.60 -38.27 27.38
N PRO D 265 1.80 -39.29 27.05
CA PRO D 265 2.36 -40.63 26.92
C PRO D 265 3.17 -40.79 25.65
N ARG D 266 4.05 -41.80 25.67
CA ARG D 266 4.70 -42.25 24.45
C ARG D 266 3.64 -42.70 23.47
N PRO D 267 3.57 -42.12 22.28
CA PRO D 267 2.51 -42.52 21.33
C PRO D 267 2.72 -43.95 20.88
N ASP D 268 1.62 -44.60 20.49
CA ASP D 268 1.68 -45.96 20.00
C ASP D 268 2.70 -46.10 18.86
N GLY D 269 3.58 -47.09 18.99
CA GLY D 269 4.55 -47.33 17.94
C GLY D 269 5.76 -46.43 17.95
N CYS D 270 5.79 -45.43 18.80
CA CYS D 270 6.86 -44.45 18.77
C CYS D 270 8.12 -45.03 19.37
N PRO D 271 9.27 -44.91 18.72
CA PRO D 271 10.49 -45.50 19.26
C PRO D 271 10.95 -44.76 20.52
N ASP D 272 11.52 -45.54 21.45
CA ASP D 272 11.96 -44.99 22.72
C ASP D 272 12.86 -43.78 22.54
N GLU D 273 13.71 -43.80 21.52
CA GLU D 273 14.66 -42.72 21.30
C GLU D 273 13.95 -41.41 20.95
N ILE D 274 12.89 -41.50 20.14
CA ILE D 274 12.12 -40.32 19.78
C ILE D 274 11.35 -39.80 21.00
N TYR D 275 10.71 -40.71 21.74
CA TYR D 275 10.05 -40.30 22.97
C TYR D 275 11.02 -39.64 23.93
N MET D 276 12.29 -40.08 23.91
CA MET D 276 13.28 -39.47 24.80
C MET D 276 13.58 -38.04 24.38
N ILE D 277 13.57 -37.76 23.07
CA ILE D 277 13.68 -36.37 22.63
C ILE D 277 12.50 -35.56 23.17
N MET D 278 11.28 -36.10 23.06
CA MET D 278 10.11 -35.38 23.57
C MET D 278 10.27 -35.05 25.05
N THR D 279 10.61 -36.07 25.85
CA THR D 279 10.69 -35.85 27.29
C THR D 279 11.84 -34.93 27.64
N GLU D 280 12.87 -34.88 26.80
CA GLU D 280 13.93 -33.92 27.03
C GLU D 280 13.44 -32.49 26.83
N CYS D 281 12.65 -32.25 25.79
CA CYS D 281 12.11 -30.91 25.59
C CYS D 281 11.10 -30.53 26.67
N TRP D 282 10.47 -31.50 27.33
CA TRP D 282 9.49 -31.24 28.39
C TRP D 282 10.14 -31.22 29.77
N ASN D 283 11.33 -30.64 29.89
CA ASN D 283 11.95 -30.52 31.21
C ASN D 283 11.44 -29.25 31.90
N ASN D 284 11.12 -29.37 33.20
CA ASN D 284 10.60 -28.19 33.90
C ASN D 284 11.62 -27.07 33.93
N ASN D 285 12.88 -27.40 34.18
CA ASN D 285 13.93 -26.39 34.18
C ASN D 285 14.27 -26.01 32.74
N VAL D 286 14.04 -24.74 32.39
CA VAL D 286 14.32 -24.25 31.03
C VAL D 286 15.75 -24.56 30.61
N ASN D 287 16.68 -24.62 31.58
CA ASN D 287 18.10 -24.79 31.33
C ASN D 287 18.48 -26.22 30.98
N GLN D 288 17.61 -27.19 31.21
CA GLN D 288 17.83 -28.56 30.78
C GLN D 288 16.98 -28.94 29.59
N ARG D 289 16.53 -27.94 28.80
CA ARG D 289 15.92 -28.23 27.51
C ARG D 289 16.98 -28.08 26.42
N PRO D 290 16.98 -28.99 25.44
CA PRO D 290 18.00 -28.92 24.40
C PRO D 290 17.81 -27.67 23.54
N SER D 291 18.85 -27.34 22.80
CA SER D 291 18.66 -26.28 21.82
C SER D 291 18.08 -26.86 20.55
N PHE D 292 17.59 -25.98 19.67
CA PHE D 292 17.13 -26.42 18.37
C PHE D 292 18.29 -26.91 17.51
N ARG D 293 19.47 -26.31 17.65
CA ARG D 293 20.66 -26.87 17.00
C ARG D 293 20.90 -28.30 17.47
N ASP D 294 20.89 -28.52 18.80
CA ASP D 294 21.08 -29.87 19.32
C ASP D 294 20.01 -30.79 18.78
N LEU D 295 18.77 -30.30 18.70
CA LEU D 295 17.66 -31.15 18.27
C LEU D 295 17.83 -31.56 16.81
N ALA D 296 18.22 -30.62 15.95
CA ALA D 296 18.39 -30.90 14.54
C ALA D 296 19.52 -31.90 14.32
N LEU D 297 20.67 -31.68 14.96
CA LEU D 297 21.74 -32.68 14.89
C LEU D 297 21.26 -34.04 15.36
N ARG D 298 20.52 -34.08 16.47
CA ARG D 298 20.10 -35.37 17.01
C ARG D 298 19.15 -36.08 16.07
N VAL D 299 18.18 -35.36 15.53
CA VAL D 299 17.22 -35.96 14.61
C VAL D 299 17.93 -36.44 13.35
N ASP D 300 18.88 -35.65 12.84
CA ASP D 300 19.66 -36.08 11.67
C ASP D 300 20.47 -37.32 11.98
N GLN D 301 21.10 -37.40 13.16
CA GLN D 301 21.85 -38.61 13.53
C GLN D 301 20.94 -39.82 13.55
N ILE D 302 19.74 -39.69 14.15
CA ILE D 302 18.80 -40.81 14.18
C ILE D 302 18.41 -41.22 12.77
N ARG D 303 18.20 -40.24 11.88
CA ARG D 303 17.83 -40.56 10.50
C ARG D 303 18.95 -41.31 9.81
N ASP D 304 20.18 -40.88 10.04
CA ASP D 304 21.34 -41.57 9.49
C ASP D 304 21.43 -42.99 10.01
N ASN D 305 21.20 -43.22 11.30
CA ASN D 305 21.19 -44.59 11.78
C ASN D 305 20.08 -45.39 11.13
N MET D 306 18.90 -44.79 10.94
CA MET D 306 17.81 -45.54 10.32
C MET D 306 18.08 -45.82 8.85
N ALA D 307 18.91 -44.99 8.21
CA ALA D 307 19.14 -45.09 6.77
C ALA D 307 20.33 -45.99 6.44
N GLY D 308 21.43 -45.89 7.17
CA GLY D 308 22.57 -46.78 6.95
C GLY D 308 22.31 -48.27 7.13
C13 RG4 E . -5.66 36.84 -11.64
C20 RG4 E . -5.85 34.00 -13.33
C21 RG4 E . -6.39 32.77 -13.66
C02 RG4 E . -1.39 36.12 -11.55
C03 RG4 E . -1.40 37.67 -11.46
C04 RG4 E . -2.51 38.47 -12.23
C05 RG4 E . -2.14 38.82 -13.68
C06 RG4 E . -0.63 38.25 -14.14
C07 RG4 E . -0.62 38.49 -15.49
C08 RG4 E . -2.14 38.58 -15.97
C09 RG4 E . -3.02 38.41 -14.65
C12 RG4 E . -5.88 38.14 -11.18
C14 RG4 E . -6.71 35.73 -11.54
C16 RG4 E . -8.59 34.96 -10.43
C18 RG4 E . -7.64 33.60 -12.07
C19 RG4 E . -6.67 34.54 -12.31
C23 RG4 E . -4.37 36.78 -12.10
N01 RG4 E . -1.46 34.97 -11.54
N10 RG4 E . -3.88 38.00 -11.97
N11 RG4 E . -4.78 38.84 -11.38
N15 RG4 E . -7.66 35.88 -10.63
N17 RG4 E . -8.57 33.86 -11.13
N22 RG4 E . -7.45 32.54 -12.90
C13 RG4 F . 28.46 11.09 -16.27
C20 RG4 F . 30.47 10.06 -13.82
C21 RG4 F . 31.67 9.88 -13.15
C02 RG4 F . 26.25 7.31 -16.14
C03 RG4 F . 25.22 8.36 -16.59
C04 RG4 F . 25.21 9.66 -15.78
C05 RG4 F . 24.97 9.41 -14.29
C06 RG4 F . 24.56 10.84 -13.56
C07 RG4 F . 23.81 10.53 -12.46
C08 RG4 F . 23.12 9.13 -12.78
C09 RG4 F . 23.88 8.58 -14.08
C12 RG4 F . 27.72 11.67 -17.28
C14 RG4 F . 29.97 11.32 -16.10
C16 RG4 F . 31.91 12.18 -17.04
C18 RG4 F . 32.09 11.04 -15.00
C19 RG4 F . 30.73 10.81 -15.00
C23 RG4 F . 27.63 10.23 -15.57
N01 RG4 F . 27.10 6.63 -15.82
N10 RG4 F . 26.44 10.34 -16.12
N11 RG4 F . 26.48 11.22 -17.17
N15 RG4 F . 30.60 11.96 -17.08
N17 RG4 F . 32.64 11.74 -16.03
N22 RG4 F . 32.63 10.47 -13.88
C13 RG4 G . -42.86 -11.59 18.27
C20 RG4 G . -41.09 -13.79 20.06
C21 RG4 G . -40.50 -14.34 21.19
C02 RG4 G . -39.76 -11.86 15.44
C03 RG4 G . -40.83 -11.65 14.40
C04 RG4 G . -42.27 -12.08 14.72
C05 RG4 G . -42.61 -13.46 14.12
C06 RG4 G . -41.29 -14.25 13.45
C07 RG4 G . -41.70 -15.54 13.32
C08 RG4 G . -43.07 -15.73 14.16
C09 RG4 G . -43.25 -14.34 14.95
C12 RG4 G . -43.91 -10.93 17.67
C14 RG4 G . -42.60 -11.64 19.77
C16 RG4 G . -42.87 -10.52 21.78
C18 RG4 G . -41.59 -12.49 21.77
C19 RG4 G . -41.80 -12.62 20.42
C23 RG4 G . -42.10 -12.11 17.25
N01 RG4 G . -38.99 -12.08 16.22
N10 RG4 G . -42.67 -11.81 16.10
N11 RG4 G . -43.79 -11.06 16.34
N15 RG4 G . -43.09 -10.62 20.48
N17 RG4 G . -42.15 -11.42 22.43
N22 RG4 G . -40.80 -13.55 22.22
C13 RG4 H . -3.07 -21.53 5.85
C20 RG4 H . -0.67 -19.41 5.02
C21 RG4 H . 0.32 -18.86 4.22
C02 RG4 H . -1.04 -21.97 9.57
C03 RG4 H . -2.49 -22.32 9.94
C04 RG4 H . -3.53 -21.33 9.42
C05 RG4 H . -3.26 -19.88 9.87
C06 RG4 H . -4.57 -18.94 9.44
C07 RG4 H . -4.78 -18.04 10.44
C08 RG4 H . -3.96 -18.50 11.72
C09 RG4 H . -3.11 -19.78 11.23
C12 RG4 H . -4.26 -22.17 6.03
C14 RG4 H . -2.32 -21.41 4.53
C16 RG4 H . -1.94 -22.35 2.43
C18 RG4 H . -0.62 -20.53 3.09
C19 RG4 H . -1.27 -20.48 4.31
C23 RG4 H . -2.62 -21.16 7.11
N01 RG4 H . -0.01 -21.69 9.18
N10 RG4 H . -3.55 -21.51 7.98
N11 RG4 H . -4.56 -22.14 7.34
N15 RG4 H . -2.58 -22.32 3.60
N17 RG4 H . -0.99 -21.47 2.17
N22 RG4 H . 0.33 -19.54 3.08
#